data_5O5Y
#
_entry.id   5O5Y
#
_cell.length_a   96.640
_cell.length_b   97.610
_cell.length_c   113.690
_cell.angle_alpha   90.00
_cell.angle_beta   90.00
_cell.angle_gamma   90.00
#
_symmetry.space_group_name_H-M   'P 21 21 21'
#
loop_
_entity.id
_entity.type
_entity.pdbx_description
1 polymer 'ADP-dependent glucokinase,ADP-dependent glucokinase,ADP-dependent glucokinase'
2 non-polymer GLYCEROL
3 non-polymer 'TRIETHYLENE GLYCOL'
4 non-polymer alpha-D-glucopyranose
5 water water
#
_entity_poly.entity_id   1
_entity_poly.type   'polypeptide(L)'
_entity_poly.pdbx_seq_one_letter_code
;MKESLKDRIRLWKRLYVNAFENALNAIPNVKGVLLAYNTNIDAIKYLDADDLEKRVTEKGKEKVFEIIENPPEKISSIEE
LLGGILRSIKLGKAMEWFVESEEVRRYLREWGWDELRIGGQAGIMANLLGGVYRIPTIVHVPQNPKLQAELFVDGPIYVP
VFEGNKLKLVHPKDAIAEEEELIHYIYEFPRGFQVFDVQAPRENRFIANADDYNARVYMRREFREGFEEITRNVELAIIS
GLQVLKEYYPDGTTYKDVLDRVESHLNILNRYNVKSHFEFAYTANRRVREALVELLPKFTSVGLNEVELASIMEIIGDEE
LAKEVLEGHIFSVIDAMNVLMDETGIERIHFHTYGYYLALTQGGGRQLAFVPTKIVASPKSTVGIGDTISSSAFVSEFGG
GGGVRDALLFASLAAAAKAMKGNLERIEQIRDALSVPTNERAIVLEEELEKEFTEFENGLIDMV
;
_entity_poly.pdbx_strand_id   A,B
#
# COMPACT_ATOMS: atom_id res chain seq x y z
N MET A 1 -17.25 6.06 13.23
CA MET A 1 -16.26 5.56 14.17
C MET A 1 -16.89 5.31 15.54
N LYS A 2 -16.57 4.17 16.15
CA LYS A 2 -16.98 3.91 17.53
C LYS A 2 -16.36 4.94 18.46
N GLU A 3 -17.10 5.34 19.50
CA GLU A 3 -16.58 6.31 20.44
C GLU A 3 -15.35 5.77 21.17
N SER A 4 -15.28 4.46 21.38
CA SER A 4 -14.11 3.86 22.03
C SER A 4 -12.85 4.08 21.20
N LEU A 5 -12.97 4.11 19.87
CA LEU A 5 -11.81 4.42 19.05
C LEU A 5 -11.42 5.89 19.19
N LYS A 6 -12.41 6.79 19.19
CA LYS A 6 -12.12 8.20 19.46
C LYS A 6 -11.39 8.38 20.78
N ASP A 7 -11.78 7.62 21.80
CA ASP A 7 -11.12 7.72 23.10
C ASP A 7 -9.67 7.23 23.00
N ARG A 8 -9.45 6.07 22.36
CA ARG A 8 -8.10 5.53 22.24
C ARG A 8 -7.22 6.45 21.41
N ILE A 9 -7.79 7.11 20.40
CA ILE A 9 -7.00 8.05 19.59
C ILE A 9 -6.48 9.18 20.46
N ARG A 10 -7.35 9.72 21.32
CA ARG A 10 -6.95 10.82 22.20
C ARG A 10 -5.91 10.36 23.21
N LEU A 11 -6.07 9.16 23.77
CA LEU A 11 -5.07 8.62 24.69
C LEU A 11 -3.71 8.43 24.00
N TRP A 12 -3.70 7.91 22.76
CA TRP A 12 -2.42 7.74 22.07
C TRP A 12 -1.77 9.09 21.72
N LYS A 13 -2.56 10.13 21.44
CA LYS A 13 -1.94 11.44 21.19
C LYS A 13 -1.17 11.92 22.42
N ARG A 14 -1.71 11.70 23.61
CA ARG A 14 -1.04 12.16 24.82
C ARG A 14 0.18 11.30 25.13
N LEU A 15 0.09 9.99 24.90
CA LEU A 15 1.25 9.13 25.13
C LEU A 15 2.39 9.50 24.19
N TYR A 16 2.07 9.78 22.93
CA TYR A 16 3.09 10.20 21.96
C TYR A 16 3.75 11.51 22.37
N VAL A 17 2.96 12.52 22.77
CA VAL A 17 3.56 13.80 23.18
C VAL A 17 4.48 13.60 24.38
N ASN A 18 4.02 12.85 25.37
CA ASN A 18 4.83 12.64 26.57
C ASN A 18 6.09 11.82 26.25
N ALA A 19 5.97 10.83 25.39
CA ALA A 19 7.12 10.01 25.03
C ALA A 19 8.18 10.84 24.31
N PHE A 20 7.75 11.77 23.44
CA PHE A 20 8.72 12.65 22.81
C PHE A 20 9.45 13.50 23.83
N GLU A 21 8.71 14.12 24.77
CA GLU A 21 9.35 14.90 25.82
C GLU A 21 10.35 14.05 26.60
N ASN A 22 9.97 12.81 26.95
CA ASN A 22 10.86 11.95 27.74
C ASN A 22 12.14 11.63 26.97
N ALA A 23 12.03 11.39 25.66
CA ALA A 23 13.20 11.05 24.85
C ALA A 23 14.17 12.21 24.77
N LEU A 24 13.66 13.42 24.55
CA LEU A 24 14.50 14.62 24.50
C LEU A 24 15.25 14.82 25.81
N ASN A 25 14.64 14.46 26.94
CA ASN A 25 15.33 14.65 28.21
C ASN A 25 16.31 13.52 28.51
N ALA A 26 16.04 12.32 28.03
CA ALA A 26 16.86 11.18 28.41
C ALA A 26 18.06 10.99 27.49
N ILE A 27 17.90 11.29 26.21
CA ILE A 27 18.99 11.07 25.25
C ILE A 27 20.27 11.83 25.61
N PRO A 28 20.24 13.07 26.10
CA PRO A 28 21.48 13.74 26.51
C PRO A 28 22.21 13.06 27.66
N ASN A 29 21.57 12.15 28.39
CA ASN A 29 22.24 11.46 29.49
C ASN A 29 22.95 10.20 29.05
N VAL A 30 22.89 9.84 27.77
CA VAL A 30 23.62 8.67 27.28
C VAL A 30 25.08 9.05 27.15
N LYS A 31 25.95 8.34 27.89
CA LYS A 31 27.35 8.70 27.94
C LYS A 31 28.04 8.49 26.60
N GLY A 32 27.64 7.48 25.84
CA GLY A 32 28.24 7.22 24.55
C GLY A 32 27.74 5.91 23.99
N VAL A 33 27.80 5.76 22.67
CA VAL A 33 27.37 4.54 22.01
C VAL A 33 28.46 4.06 21.03
N LEU A 34 28.70 2.76 21.04
CA LEU A 34 29.60 2.09 20.10
C LEU A 34 28.81 1.51 18.93
N LEU A 35 29.25 1.78 17.70
CA LEU A 35 28.61 1.26 16.49
C LEU A 35 29.61 0.45 15.66
N ALA A 36 29.29 -0.80 15.40
CA ALA A 36 30.14 -1.70 14.62
C ALA A 36 29.26 -2.74 13.95
N TYR A 37 29.64 -3.28 12.79
CA TYR A 37 30.96 -3.14 12.19
C TYR A 37 30.97 -2.52 10.80
N ASN A 38 29.80 -2.37 10.17
CA ASN A 38 29.76 -2.14 8.72
C ASN A 38 29.55 -0.65 8.40
N THR A 39 30.56 -0.06 7.77
CA THR A 39 30.55 1.29 7.20
C THR A 39 31.16 1.21 5.81
N ASN A 40 30.49 1.82 4.83
CA ASN A 40 31.02 1.88 3.46
C ASN A 40 30.56 3.19 2.80
N ILE A 41 30.70 3.26 1.48
CA ILE A 41 30.26 4.39 0.67
C ILE A 41 29.16 3.89 -0.27
N ASP A 42 28.03 4.58 -0.28
CA ASP A 42 26.94 4.31 -1.23
C ASP A 42 26.96 5.39 -2.30
N ALA A 43 27.16 4.98 -3.56
CA ALA A 43 27.23 5.90 -4.70
C ALA A 43 25.98 5.69 -5.56
N ILE A 44 25.18 6.73 -5.70
CA ILE A 44 23.89 6.65 -6.36
C ILE A 44 24.02 7.24 -7.76
N LYS A 45 23.61 6.47 -8.77
CA LYS A 45 23.49 6.98 -10.13
C LYS A 45 22.04 6.86 -10.60
N TYR A 46 21.48 7.97 -11.07
CA TYR A 46 20.18 7.94 -11.72
C TYR A 46 20.43 7.66 -13.20
N LEU A 47 20.07 6.46 -13.62
CA LEU A 47 20.47 5.99 -14.95
C LEU A 47 19.92 6.91 -16.03
N ASP A 48 20.76 7.15 -17.04
CA ASP A 48 20.41 7.89 -18.25
C ASP A 48 20.34 6.90 -19.41
N ALA A 49 19.24 6.92 -20.14
CA ALA A 49 19.01 5.91 -21.18
C ALA A 49 20.04 6.03 -22.29
N ASP A 50 20.30 7.26 -22.76
CA ASP A 50 21.26 7.44 -23.85
C ASP A 50 22.65 7.01 -23.40
N ASP A 51 23.08 7.44 -22.22
CA ASP A 51 24.36 7.01 -21.68
C ASP A 51 24.43 5.48 -21.60
N LEU A 52 23.43 4.85 -21.01
CA LEU A 52 23.46 3.40 -20.84
C LEU A 52 23.41 2.67 -22.18
N GLU A 53 22.68 3.23 -23.16
CA GLU A 53 22.67 2.61 -24.48
C GLU A 53 24.03 2.70 -25.16
N LYS A 54 24.68 3.87 -25.07
CA LYS A 54 26.01 4.00 -25.66
C LYS A 54 27.00 3.03 -25.02
N ARG A 55 26.88 2.83 -23.71
CA ARG A 55 27.82 1.94 -23.05
C ARG A 55 27.58 0.49 -23.42
N VAL A 56 26.31 0.10 -23.58
CA VAL A 56 26.02 -1.26 -24.04
C VAL A 56 26.54 -1.45 -25.46
N THR A 57 26.36 -0.45 -26.33
CA THR A 57 26.81 -0.58 -27.72
C THR A 57 28.33 -0.64 -27.83
N GLU A 58 29.04 0.15 -27.00
CA GLU A 58 30.50 0.09 -26.99
C GLU A 58 31.02 -1.32 -26.77
N LYS A 59 30.42 -2.04 -25.83
CA LYS A 59 30.97 -3.30 -25.36
C LYS A 59 30.45 -4.51 -26.12
N GLY A 60 29.40 -4.36 -26.92
CA GLY A 60 28.85 -5.48 -27.65
C GLY A 60 27.44 -5.78 -27.20
N LYS A 61 26.47 -5.24 -27.93
CA LYS A 61 25.08 -5.32 -27.48
C LYS A 61 24.61 -6.77 -27.40
N GLU A 62 25.04 -7.62 -28.33
CA GLU A 62 24.59 -9.00 -28.29
C GLU A 62 25.16 -9.75 -27.08
N LYS A 63 26.42 -9.49 -26.73
CA LYS A 63 26.99 -10.11 -25.54
C LYS A 63 26.21 -9.72 -24.28
N VAL A 64 25.87 -8.42 -24.16
CA VAL A 64 25.10 -7.95 -23.01
C VAL A 64 23.75 -8.65 -22.92
N PHE A 65 23.04 -8.75 -24.05
CA PHE A 65 21.71 -9.34 -23.99
C PHE A 65 21.74 -10.83 -23.71
N GLU A 66 22.79 -11.53 -24.14
CA GLU A 66 22.96 -12.92 -23.71
C GLU A 66 23.00 -13.04 -22.19
N ILE A 67 23.62 -12.06 -21.51
CA ILE A 67 23.73 -12.11 -20.06
C ILE A 67 22.35 -11.93 -19.39
N ILE A 68 21.49 -11.08 -19.98
CA ILE A 68 20.15 -10.87 -19.42
C ILE A 68 19.42 -12.19 -19.24
N GLU A 69 19.49 -13.06 -20.24
CA GLU A 69 18.80 -14.35 -20.17
C GLU A 69 19.60 -15.38 -19.40
N ASN A 70 20.93 -15.28 -19.39
CA ASN A 70 21.79 -16.23 -18.70
C ASN A 70 22.64 -15.49 -17.66
N PRO A 71 22.04 -15.04 -16.56
CA PRO A 71 22.76 -14.18 -15.62
C PRO A 71 23.81 -14.95 -14.82
N PRO A 72 25.01 -14.37 -14.66
CA PRO A 72 26.03 -15.00 -13.81
C PRO A 72 25.88 -14.74 -12.32
N GLU A 73 24.99 -13.82 -11.90
CA GLU A 73 24.79 -13.52 -10.47
C GLU A 73 26.11 -13.20 -9.75
N LYS A 74 27.06 -12.65 -10.49
CA LYS A 74 28.34 -12.08 -10.06
C LYS A 74 28.88 -11.30 -11.23
N ILE A 75 29.79 -10.37 -10.97
CA ILE A 75 30.31 -9.48 -12.01
C ILE A 75 31.80 -9.71 -12.19
N SER A 76 32.19 -10.29 -13.34
CA SER A 76 33.59 -10.49 -13.69
CA SER A 76 33.60 -10.48 -13.67
C SER A 76 34.02 -9.70 -14.91
N SER A 77 33.12 -8.96 -15.54
CA SER A 77 33.43 -8.23 -16.75
C SER A 77 32.47 -7.06 -16.88
N ILE A 78 32.86 -6.07 -17.67
CA ILE A 78 31.98 -4.93 -17.93
C ILE A 78 30.70 -5.39 -18.61
N GLU A 79 30.78 -6.40 -19.49
CA GLU A 79 29.56 -6.89 -20.11
C GLU A 79 28.61 -7.48 -19.08
N GLU A 80 29.17 -8.15 -18.06
CA GLU A 80 28.30 -8.70 -17.02
C GLU A 80 27.70 -7.61 -16.15
N LEU A 81 28.43 -6.52 -15.93
CA LEU A 81 27.87 -5.38 -15.20
C LEU A 81 26.66 -4.83 -15.95
N LEU A 82 26.84 -4.55 -17.25
CA LEU A 82 25.76 -3.96 -18.03
C LEU A 82 24.59 -4.92 -18.20
N GLY A 83 24.88 -6.21 -18.35
CA GLY A 83 23.81 -7.18 -18.44
C GLY A 83 23.00 -7.29 -17.17
N GLY A 84 23.66 -7.22 -16.01
CA GLY A 84 22.93 -7.22 -14.75
C GLY A 84 22.00 -6.02 -14.62
N ILE A 85 22.50 -4.84 -14.97
CA ILE A 85 21.66 -3.65 -14.90
C ILE A 85 20.43 -3.81 -15.78
N LEU A 86 20.63 -4.26 -17.02
CA LEU A 86 19.49 -4.34 -17.92
C LEU A 86 18.50 -5.42 -17.47
N ARG A 87 19.00 -6.49 -16.84
CA ARG A 87 18.11 -7.51 -16.30
C ARG A 87 17.28 -6.95 -15.14
N SER A 88 17.91 -6.13 -14.29
CA SER A 88 17.18 -5.48 -13.22
C SER A 88 16.05 -4.62 -13.77
N ILE A 89 16.32 -3.91 -14.86
CA ILE A 89 15.31 -3.08 -15.54
C ILE A 89 14.20 -3.96 -16.12
N LYS A 90 14.58 -4.99 -16.88
CA LYS A 90 13.59 -5.86 -17.51
C LYS A 90 12.64 -6.46 -16.47
N LEU A 91 13.16 -6.95 -15.35
CA LEU A 91 12.33 -7.58 -14.33
C LEU A 91 11.76 -6.60 -13.33
N GLY A 92 12.17 -5.33 -13.37
CA GLY A 92 11.82 -4.40 -12.32
C GLY A 92 12.14 -4.95 -10.95
N LYS A 93 13.36 -5.48 -10.79
CA LYS A 93 13.72 -6.34 -9.67
C LYS A 93 14.99 -5.86 -8.98
N ALA A 94 14.94 -5.75 -7.65
CA ALA A 94 16.12 -5.34 -6.89
C ALA A 94 17.15 -6.45 -6.94
N MET A 95 18.37 -6.11 -7.37
CA MET A 95 19.45 -7.06 -7.51
C MET A 95 20.75 -6.42 -7.01
N GLU A 96 21.61 -7.26 -6.44
CA GLU A 96 22.96 -6.86 -6.06
C GLU A 96 23.93 -7.97 -6.46
N TRP A 97 24.92 -7.63 -7.26
CA TRP A 97 25.96 -8.56 -7.69
C TRP A 97 27.33 -8.05 -7.24
N PHE A 98 28.18 -8.97 -6.78
CA PHE A 98 29.52 -8.61 -6.35
C PHE A 98 30.47 -8.47 -7.53
N VAL A 99 31.30 -7.44 -7.49
CA VAL A 99 32.25 -7.14 -8.56
C VAL A 99 33.60 -7.79 -8.23
N GLU A 100 33.95 -8.86 -8.91
CA GLU A 100 35.18 -9.58 -8.58
C GLU A 100 36.33 -9.24 -9.52
N SER A 101 36.25 -8.10 -10.21
CA SER A 101 37.23 -7.74 -11.21
C SER A 101 37.70 -6.31 -10.97
N GLU A 102 39.01 -6.13 -10.79
CA GLU A 102 39.53 -4.79 -10.56
C GLU A 102 39.34 -3.90 -11.79
N GLU A 103 39.40 -4.48 -12.99
CA GLU A 103 39.14 -3.68 -14.19
C GLU A 103 37.72 -3.14 -14.18
N VAL A 104 36.75 -3.96 -13.78
CA VAL A 104 35.37 -3.47 -13.72
C VAL A 104 35.23 -2.40 -12.63
N ARG A 105 35.92 -2.57 -11.50
CA ARG A 105 35.85 -1.54 -10.46
C ARG A 105 36.41 -0.21 -10.97
N ARG A 106 37.45 -0.25 -11.80
N ARG A 106 37.45 -0.24 -11.81
CA ARG A 106 37.95 0.97 -12.42
CA ARG A 106 37.92 1.01 -12.38
C ARG A 106 36.88 1.59 -13.31
C ARG A 106 36.87 1.61 -13.32
N TYR A 107 36.19 0.76 -14.10
CA TYR A 107 35.11 1.25 -14.96
C TYR A 107 34.00 1.90 -14.14
N LEU A 108 33.62 1.27 -13.02
CA LEU A 108 32.56 1.79 -12.16
C LEU A 108 32.91 3.15 -11.56
N ARG A 109 34.13 3.27 -11.02
CA ARG A 109 34.56 4.53 -10.42
C ARG A 109 34.61 5.65 -11.45
N GLU A 110 35.06 5.33 -12.66
CA GLU A 110 35.14 6.32 -13.72
C GLU A 110 33.74 6.78 -14.15
N TRP A 111 32.81 5.83 -14.27
CA TRP A 111 31.43 6.16 -14.61
C TRP A 111 30.80 7.08 -13.57
N GLY A 112 31.23 6.98 -12.30
CA GLY A 112 30.84 7.97 -11.31
C GLY A 112 29.44 7.80 -10.77
N TRP A 113 28.92 8.92 -10.24
CA TRP A 113 27.69 8.91 -9.47
C TRP A 113 27.13 10.32 -9.42
N ASP A 114 25.84 10.40 -9.13
CA ASP A 114 25.15 11.68 -8.94
C ASP A 114 25.11 12.11 -7.48
N GLU A 115 25.08 11.16 -6.56
CA GLU A 115 24.94 11.43 -5.13
C GLU A 115 25.83 10.46 -4.38
N LEU A 116 26.48 10.95 -3.33
CA LEU A 116 27.30 10.09 -2.49
C LEU A 116 26.79 10.19 -1.06
N ARG A 117 26.61 9.05 -0.40
CA ARG A 117 26.21 9.11 1.00
C ARG A 117 26.82 7.95 1.77
N ILE A 118 26.85 8.08 3.09
CA ILE A 118 27.43 7.03 3.91
C ILE A 118 26.53 5.81 3.80
N GLY A 119 27.15 4.62 3.78
CA GLY A 119 26.43 3.37 3.74
C GLY A 119 26.87 2.48 4.90
N GLY A 120 26.19 1.35 5.03
CA GLY A 120 26.50 0.46 6.13
C GLY A 120 25.70 0.84 7.37
N GLN A 121 25.22 -0.16 8.11
CA GLN A 121 24.33 0.14 9.24
C GLN A 121 25.05 0.92 10.34
N ALA A 122 26.31 0.57 10.64
CA ALA A 122 27.07 1.34 11.60
C ALA A 122 27.26 2.78 11.12
N GLY A 123 27.57 2.95 9.84
CA GLY A 123 27.85 4.29 9.34
C GLY A 123 26.61 5.19 9.34
N ILE A 124 25.48 4.66 8.87
CA ILE A 124 24.28 5.52 8.82
C ILE A 124 23.77 5.80 10.23
N MET A 125 24.00 4.88 11.17
CA MET A 125 23.57 5.18 12.53
C MET A 125 24.53 6.12 13.24
N ALA A 126 25.78 6.20 12.79
CA ALA A 126 26.68 7.22 13.34
C ALA A 126 26.16 8.62 13.00
N ASN A 127 25.72 8.82 11.76
CA ASN A 127 25.20 10.13 11.37
C ASN A 127 23.89 10.45 12.11
N LEU A 128 23.06 9.44 12.37
CA LEU A 128 21.82 9.68 13.11
C LEU A 128 22.08 9.88 14.61
N LEU A 129 22.71 8.89 15.27
CA LEU A 129 22.84 8.98 16.72
C LEU A 129 23.78 10.12 17.14
N GLY A 130 24.87 10.31 16.41
CA GLY A 130 25.82 11.37 16.69
C GLY A 130 25.42 12.69 16.07
N GLY A 131 25.09 12.68 14.79
CA GLY A 131 24.79 13.93 14.10
C GLY A 131 23.46 14.55 14.50
N VAL A 132 22.41 13.75 14.60
CA VAL A 132 21.07 14.25 14.89
C VAL A 132 20.79 14.22 16.39
N TYR A 133 21.05 13.10 17.07
CA TYR A 133 20.73 13.01 18.48
C TYR A 133 21.81 13.57 19.39
N ARG A 134 23.01 13.85 18.84
CA ARG A 134 24.14 14.42 19.58
C ARG A 134 24.62 13.50 20.70
N ILE A 135 24.42 12.19 20.53
CA ILE A 135 25.03 11.21 21.44
C ILE A 135 26.48 10.99 21.02
N PRO A 136 27.46 11.14 21.93
CA PRO A 136 28.85 10.79 21.61
C PRO A 136 28.93 9.38 21.05
N THR A 137 29.48 9.25 19.84
CA THR A 137 29.40 8.02 19.07
C THR A 137 30.80 7.61 18.61
N ILE A 138 31.16 6.35 18.83
CA ILE A 138 32.38 5.78 18.31
C ILE A 138 31.99 4.73 17.28
N VAL A 139 32.46 4.91 16.05
CA VAL A 139 32.00 4.08 14.94
C VAL A 139 33.18 3.34 14.32
N HIS A 140 32.94 2.08 13.96
CA HIS A 140 33.93 1.29 13.25
C HIS A 140 33.91 1.59 11.76
N VAL A 141 35.04 2.03 11.22
CA VAL A 141 35.19 2.35 9.81
C VAL A 141 36.30 1.46 9.26
N PRO A 142 35.95 0.33 8.64
CA PRO A 142 37.00 -0.65 8.22
C PRO A 142 38.10 -0.05 7.37
N GLN A 143 37.75 0.85 6.45
CA GLN A 143 38.70 1.51 5.56
C GLN A 143 38.26 2.96 5.43
N ASN A 144 39.14 3.88 5.83
CA ASN A 144 38.79 5.29 5.95
C ASN A 144 39.61 6.20 5.04
N PRO A 145 39.58 5.98 3.72
CA PRO A 145 40.16 6.99 2.81
C PRO A 145 39.33 8.27 2.86
N LYS A 146 39.85 9.29 2.18
CA LYS A 146 39.22 10.60 2.22
C LYS A 146 37.78 10.57 1.70
N LEU A 147 37.51 9.79 0.66
CA LEU A 147 36.15 9.73 0.12
C LEU A 147 35.18 9.20 1.17
N GLN A 148 35.65 8.28 2.01
CA GLN A 148 34.85 7.68 3.07
C GLN A 148 34.69 8.65 4.23
N ALA A 149 35.79 9.29 4.64
CA ALA A 149 35.76 10.06 5.88
C ALA A 149 34.91 11.32 5.75
N GLU A 150 34.80 11.88 4.54
CA GLU A 150 34.01 13.10 4.31
C GLU A 150 32.51 12.90 4.43
N LEU A 151 32.02 11.65 4.41
CA LEU A 151 30.60 11.39 4.42
C LEU A 151 29.98 11.44 5.80
N PHE A 152 30.77 11.64 6.85
CA PHE A 152 30.22 11.81 8.19
C PHE A 152 29.84 13.27 8.40
N VAL A 153 28.65 13.48 8.99
CA VAL A 153 28.17 14.82 9.27
C VAL A 153 28.90 15.39 10.48
N ASP A 154 28.72 16.69 10.73
CA ASP A 154 29.33 17.35 11.88
C ASP A 154 28.66 16.89 13.18
N GLY A 155 29.45 16.73 14.21
CA GLY A 155 28.94 16.34 15.50
C GLY A 155 29.89 15.46 16.27
N PRO A 156 29.45 14.97 17.43
CA PRO A 156 30.32 14.15 18.28
C PRO A 156 30.44 12.72 17.76
N ILE A 157 30.98 12.58 16.55
CA ILE A 157 31.24 11.30 15.92
C ILE A 157 32.74 11.07 15.93
N TYR A 158 33.17 9.94 16.46
CA TYR A 158 34.57 9.65 16.71
C TYR A 158 34.98 8.30 16.15
N VAL A 159 36.24 8.21 15.72
CA VAL A 159 36.89 6.95 15.42
C VAL A 159 38.16 6.87 16.26
N PRO A 160 38.58 5.68 16.65
CA PRO A 160 39.83 5.54 17.41
C PRO A 160 41.07 5.55 16.50
N VAL A 161 42.11 6.24 16.96
CA VAL A 161 43.40 6.25 16.29
C VAL A 161 44.49 6.00 17.32
N PHE A 162 45.56 5.34 16.89
CA PHE A 162 46.70 5.08 17.77
C PHE A 162 47.74 6.16 17.56
N GLU A 163 48.07 6.88 18.63
CA GLU A 163 49.19 7.81 18.65
C GLU A 163 50.32 7.08 19.36
N GLY A 164 51.20 6.46 18.57
CA GLY A 164 52.12 5.50 19.13
C GLY A 164 51.37 4.42 19.89
N ASN A 165 51.42 4.50 21.22
CA ASN A 165 50.79 3.50 22.08
C ASN A 165 49.51 4.01 22.75
N LYS A 166 49.14 5.27 22.56
CA LYS A 166 47.95 5.82 23.19
C LYS A 166 46.81 5.94 22.19
N LEU A 167 45.62 5.58 22.64
CA LEU A 167 44.42 5.64 21.82
C LEU A 167 43.76 7.00 21.97
N LYS A 168 43.56 7.70 20.86
CA LYS A 168 42.79 8.92 20.80
C LYS A 168 41.48 8.69 20.05
N LEU A 169 40.50 9.52 20.34
CA LEU A 169 39.22 9.52 19.65
C LEU A 169 39.11 10.83 18.90
N VAL A 170 39.01 10.75 17.56
CA VAL A 170 38.98 11.93 16.72
C VAL A 170 37.85 11.82 15.71
N HIS A 171 37.47 12.96 15.14
CA HIS A 171 36.47 12.95 14.09
C HIS A 171 37.01 12.19 12.87
N PRO A 172 36.18 11.42 12.17
CA PRO A 172 36.69 10.63 11.04
C PRO A 172 37.45 11.45 10.00
N LYS A 173 37.04 12.71 9.76
CA LYS A 173 37.77 13.54 8.82
C LYS A 173 39.21 13.82 9.25
N ASP A 174 39.53 13.61 10.54
CA ASP A 174 40.86 13.82 11.07
C ASP A 174 41.64 12.53 11.20
N ALA A 175 41.13 11.43 10.63
CA ALA A 175 41.77 10.13 10.69
C ALA A 175 41.81 9.47 9.32
N ILE A 176 41.96 10.25 8.25
CA ILE A 176 42.06 9.70 6.91
C ILE A 176 43.30 8.84 6.80
N ALA A 177 43.14 7.64 6.24
CA ALA A 177 44.23 6.68 6.10
C ALA A 177 44.37 6.25 4.64
N GLU A 178 45.50 5.62 4.34
CA GLU A 178 45.80 5.10 2.99
C GLU A 178 45.07 3.75 2.86
N GLU A 179 43.78 3.85 2.58
CA GLU A 179 42.94 2.66 2.65
C GLU A 179 41.96 2.66 1.47
N GLU A 180 41.27 1.54 1.31
CA GLU A 180 40.44 1.27 0.14
C GLU A 180 39.14 2.05 0.18
N GLU A 181 38.70 2.55 -0.98
CA GLU A 181 37.34 3.04 -1.12
C GLU A 181 36.40 1.85 -1.21
N LEU A 182 35.49 1.72 -0.25
CA LEU A 182 34.54 0.60 -0.20
C LEU A 182 33.21 1.09 -0.74
N ILE A 183 33.01 0.94 -2.04
CA ILE A 183 31.90 1.59 -2.73
C ILE A 183 30.85 0.56 -3.14
N HIS A 184 29.59 0.85 -2.83
CA HIS A 184 28.47 0.10 -3.36
C HIS A 184 27.80 1.01 -4.38
N TYR A 185 27.81 0.62 -5.65
CA TYR A 185 27.28 1.44 -6.73
C TYR A 185 25.81 1.09 -6.93
N ILE A 186 24.94 2.11 -6.86
CA ILE A 186 23.49 1.90 -6.83
C ILE A 186 22.91 2.58 -8.07
N TYR A 187 22.39 1.77 -8.99
CA TYR A 187 21.89 2.26 -10.28
C TYR A 187 20.35 2.27 -10.23
N GLU A 188 19.78 3.46 -10.08
CA GLU A 188 18.34 3.63 -9.88
C GLU A 188 17.64 3.99 -11.19
N PHE A 189 16.42 3.49 -11.35
CA PHE A 189 15.63 3.75 -12.55
C PHE A 189 14.16 3.79 -12.17
N PRO A 190 13.35 4.58 -12.88
CA PRO A 190 11.91 4.66 -12.60
C PRO A 190 11.10 3.61 -13.38
N ARG A 191 9.83 3.47 -12.98
CA ARG A 191 8.90 2.75 -13.83
C ARG A 191 8.93 3.36 -15.23
N GLY A 192 9.00 2.50 -16.24
CA GLY A 192 8.96 2.97 -17.61
C GLY A 192 10.31 3.31 -18.22
N PHE A 193 11.39 3.30 -17.43
CA PHE A 193 12.72 3.48 -17.98
C PHE A 193 12.97 2.45 -19.08
N GLN A 194 13.49 2.91 -20.21
CA GLN A 194 13.63 2.05 -21.38
C GLN A 194 15.00 2.24 -22.01
N VAL A 195 15.70 1.13 -22.24
CA VAL A 195 16.88 1.09 -23.09
C VAL A 195 16.62 0.02 -24.14
N PHE A 196 16.91 0.36 -25.40
CA PHE A 196 16.59 -0.53 -26.51
C PHE A 196 15.15 -0.98 -26.38
N ASP A 197 14.90 -2.29 -26.34
CA ASP A 197 13.54 -2.81 -26.20
C ASP A 197 13.20 -3.25 -24.77
N VAL A 198 14.00 -2.83 -23.78
CA VAL A 198 13.85 -3.29 -22.40
C VAL A 198 13.26 -2.14 -21.57
N GLN A 199 12.10 -2.38 -20.95
CA GLN A 199 11.38 -1.33 -20.24
C GLN A 199 10.99 -1.77 -18.82
N ALA A 200 11.26 -0.89 -17.86
CA ALA A 200 11.02 -1.23 -16.45
C ALA A 200 9.53 -1.24 -16.13
N PRO A 201 9.00 -2.33 -15.57
CA PRO A 201 7.61 -2.34 -15.10
C PRO A 201 7.38 -1.69 -13.75
N ARG A 202 8.45 -1.42 -12.98
CA ARG A 202 8.36 -0.65 -11.75
C ARG A 202 9.72 -0.05 -11.47
N GLU A 203 9.74 0.95 -10.59
CA GLU A 203 11.02 1.50 -10.17
C GLU A 203 11.82 0.41 -9.45
N ASN A 204 13.13 0.43 -9.63
CA ASN A 204 13.98 -0.42 -8.81
C ASN A 204 15.43 0.01 -8.98
N ARG A 205 16.36 -0.83 -8.49
CA ARG A 205 17.78 -0.48 -8.57
C ARG A 205 18.63 -1.73 -8.62
N PHE A 206 19.75 -1.63 -9.32
CA PHE A 206 20.77 -2.65 -9.41
C PHE A 206 22.00 -2.16 -8.65
N ILE A 207 22.56 -3.01 -7.77
CA ILE A 207 23.70 -2.62 -6.96
C ILE A 207 24.91 -3.45 -7.37
N ALA A 208 26.02 -2.75 -7.67
CA ALA A 208 27.30 -3.38 -7.97
C ALA A 208 28.15 -3.17 -6.73
N ASN A 209 28.41 -4.26 -6.02
CA ASN A 209 29.10 -4.18 -4.73
C ASN A 209 30.59 -4.39 -4.98
N ALA A 210 31.38 -3.34 -4.75
CA ALA A 210 32.83 -3.36 -4.92
C ALA A 210 33.57 -3.32 -3.57
N ASP A 211 33.08 -4.07 -2.59
CA ASP A 211 33.50 -3.90 -1.19
C ASP A 211 33.94 -5.26 -0.64
N ASP A 212 35.25 -5.52 -0.68
CA ASP A 212 35.80 -6.77 -0.15
C ASP A 212 35.88 -6.80 1.37
N TYR A 213 35.82 -5.64 2.03
CA TYR A 213 36.17 -5.57 3.44
C TYR A 213 34.96 -5.81 4.34
N ASN A 214 33.84 -5.10 4.12
CA ASN A 214 32.64 -5.46 4.88
C ASN A 214 32.12 -6.85 4.51
N ALA A 215 32.47 -7.38 3.32
CA ALA A 215 32.00 -8.71 2.94
C ALA A 215 32.51 -9.78 3.91
N ARG A 216 33.65 -9.57 4.52
CA ARG A 216 34.13 -10.54 5.49
C ARG A 216 34.24 -9.98 6.90
N VAL A 217 33.55 -8.88 7.18
CA VAL A 217 33.57 -8.23 8.49
C VAL A 217 35.01 -8.00 8.93
N TYR A 218 35.76 -7.31 8.09
CA TYR A 218 37.08 -6.83 8.45
C TYR A 218 37.00 -5.91 9.66
N MET A 219 37.93 -6.09 10.61
CA MET A 219 38.01 -5.23 11.78
C MET A 219 39.35 -4.52 11.78
N ARG A 220 39.32 -3.19 11.86
CA ARG A 220 40.60 -2.48 11.80
C ARG A 220 41.38 -2.66 13.09
N ARG A 221 42.68 -2.34 13.00
CA ARG A 221 43.61 -2.60 14.10
CA ARG A 221 43.61 -2.62 14.10
C ARG A 221 43.16 -1.95 15.40
N GLU A 222 42.73 -0.69 15.34
CA GLU A 222 42.34 0.05 16.53
C GLU A 222 41.20 -0.64 17.30
N PHE A 223 40.27 -1.29 16.60
CA PHE A 223 39.25 -2.08 17.27
C PHE A 223 39.76 -3.45 17.75
N ARG A 224 40.74 -4.03 17.07
CA ARG A 224 41.27 -5.32 17.52
C ARG A 224 42.25 -5.17 18.68
N GLU A 225 42.82 -3.97 18.86
CA GLU A 225 43.81 -3.74 19.90
C GLU A 225 43.37 -2.70 20.90
N GLY A 226 42.43 -1.84 20.56
CA GLY A 226 42.00 -0.82 21.48
C GLY A 226 40.60 -1.03 21.99
N PHE A 227 40.06 -2.26 21.88
CA PHE A 227 38.63 -2.39 22.12
C PHE A 227 38.29 -2.10 23.58
N GLU A 228 39.15 -2.51 24.51
CA GLU A 228 38.84 -2.31 25.91
C GLU A 228 38.83 -0.84 26.27
N GLU A 229 39.75 -0.05 25.73
CA GLU A 229 39.77 1.39 25.96
C GLU A 229 38.59 2.06 25.29
N ILE A 230 38.19 1.61 24.12
CA ILE A 230 37.00 2.14 23.46
C ILE A 230 35.76 1.86 24.31
N THR A 231 35.68 0.66 24.88
CA THR A 231 34.54 0.26 25.70
C THR A 231 34.40 1.17 26.92
N ARG A 232 35.51 1.67 27.45
CA ARG A 232 35.44 2.51 28.64
C ARG A 232 34.78 3.85 28.36
N ASN A 233 34.61 4.20 27.09
CA ASN A 233 34.06 5.50 26.70
C ASN A 233 32.59 5.44 26.32
N VAL A 234 31.92 4.29 26.45
CA VAL A 234 30.54 4.18 26.01
C VAL A 234 29.72 3.50 27.09
N GLU A 235 28.41 3.67 26.96
CA GLU A 235 27.41 3.04 27.81
C GLU A 235 26.56 2.02 27.06
N LEU A 236 26.46 2.15 25.72
CA LEU A 236 25.65 1.30 24.88
C LEU A 236 26.46 0.88 23.67
N ALA A 237 26.02 -0.24 23.06
CA ALA A 237 26.60 -0.72 21.81
C ALA A 237 25.50 -1.28 20.92
N ILE A 238 25.60 -1.02 19.63
CA ILE A 238 24.72 -1.60 18.64
C ILE A 238 25.60 -2.31 17.63
N ILE A 239 25.35 -3.60 17.44
CA ILE A 239 26.19 -4.47 16.61
C ILE A 239 25.42 -4.86 15.37
N SER A 240 26.07 -4.72 14.20
CA SER A 240 25.45 -5.00 12.92
C SER A 240 26.51 -5.48 11.93
N GLY A 241 26.04 -6.00 10.80
CA GLY A 241 26.91 -6.34 9.70
C GLY A 241 27.26 -7.81 9.57
N LEU A 242 26.84 -8.65 10.52
CA LEU A 242 27.25 -10.05 10.49
C LEU A 242 26.40 -10.90 9.54
N GLN A 243 25.35 -10.33 8.95
CA GLN A 243 24.47 -11.09 8.06
C GLN A 243 25.20 -11.59 6.82
N VAL A 244 26.35 -10.98 6.48
CA VAL A 244 27.06 -11.29 5.24
C VAL A 244 27.91 -12.54 5.35
N LEU A 245 28.07 -13.10 6.54
CA LEU A 245 29.08 -14.14 6.75
C LEU A 245 28.74 -15.42 5.98
N LYS A 246 29.77 -16.01 5.37
CA LYS A 246 29.71 -17.31 4.71
C LYS A 246 30.36 -18.37 5.59
N GLU A 247 30.04 -19.64 5.32
CA GLU A 247 30.66 -20.69 6.12
C GLU A 247 32.14 -20.83 5.81
N TYR A 248 32.51 -20.76 4.53
CA TYR A 248 33.91 -20.87 4.12
C TYR A 248 34.25 -19.74 3.17
N TYR A 249 35.50 -19.28 3.25
CA TYR A 249 36.07 -18.33 2.32
C TYR A 249 37.24 -18.98 1.61
N PRO A 250 37.62 -18.48 0.42
CA PRO A 250 38.72 -19.12 -0.32
C PRO A 250 40.04 -19.18 0.44
N ASP A 251 40.32 -18.23 1.33
CA ASP A 251 41.58 -18.34 2.06
C ASP A 251 41.53 -19.41 3.15
N GLY A 252 40.44 -20.19 3.22
CA GLY A 252 40.32 -21.24 4.21
C GLY A 252 39.69 -20.84 5.52
N THR A 253 39.52 -19.53 5.78
CA THR A 253 38.90 -19.11 7.03
C THR A 253 37.39 -19.36 6.97
N THR A 254 36.74 -19.24 8.13
CA THR A 254 35.32 -19.55 8.27
C THR A 254 34.61 -18.38 8.98
N TYR A 255 33.28 -18.46 8.99
CA TYR A 255 32.48 -17.51 9.77
C TYR A 255 32.89 -17.52 11.24
N LYS A 256 33.31 -18.68 11.76
CA LYS A 256 33.62 -18.75 13.18
C LYS A 256 34.87 -17.93 13.52
N ASP A 257 35.79 -17.77 12.58
CA ASP A 257 36.93 -16.89 12.84
C ASP A 257 36.46 -15.47 13.17
N VAL A 258 35.44 -14.99 12.47
CA VAL A 258 34.90 -13.66 12.76
C VAL A 258 34.08 -13.68 14.04
N LEU A 259 33.17 -14.66 14.18
CA LEU A 259 32.30 -14.67 15.35
C LEU A 259 33.10 -14.84 16.64
N ASP A 260 34.25 -15.54 16.58
CA ASP A 260 35.10 -15.61 17.79
C ASP A 260 35.56 -14.23 18.22
N ARG A 261 35.90 -13.36 17.25
CA ARG A 261 36.31 -12.00 17.61
C ARG A 261 35.13 -11.20 18.13
N VAL A 262 33.94 -11.38 17.53
CA VAL A 262 32.75 -10.70 18.05
C VAL A 262 32.47 -11.13 19.48
N GLU A 263 32.60 -12.44 19.76
CA GLU A 263 32.35 -12.93 21.10
C GLU A 263 33.33 -12.33 22.11
N SER A 264 34.59 -12.17 21.70
CA SER A 264 35.56 -11.51 22.58
C SER A 264 35.18 -10.06 22.85
N HIS A 265 34.65 -9.38 21.84
CA HIS A 265 34.17 -8.01 22.02
C HIS A 265 32.99 -7.98 22.99
N LEU A 266 32.02 -8.88 22.81
CA LEU A 266 30.89 -8.93 23.73
C LEU A 266 31.33 -9.24 25.18
N ASN A 267 32.36 -10.07 25.35
CA ASN A 267 32.84 -10.35 26.71
C ASN A 267 33.40 -9.09 27.36
N ILE A 268 34.08 -8.25 26.58
CA ILE A 268 34.58 -6.99 27.12
C ILE A 268 33.44 -6.03 27.43
N LEU A 269 32.44 -5.92 26.54
CA LEU A 269 31.27 -5.09 26.81
C LEU A 269 30.58 -5.51 28.11
N ASN A 270 30.34 -6.82 28.27
CA ASN A 270 29.63 -7.31 29.44
C ASN A 270 30.46 -7.11 30.72
N ARG A 271 31.78 -7.23 30.60
CA ARG A 271 32.62 -6.96 31.76
C ARG A 271 32.49 -5.52 32.21
N TYR A 272 32.21 -4.60 31.30
CA TYR A 272 32.01 -3.19 31.64
C TYR A 272 30.55 -2.82 31.79
N ASN A 273 29.65 -3.79 31.75
CA ASN A 273 28.21 -3.57 31.90
C ASN A 273 27.65 -2.65 30.81
N VAL A 274 28.28 -2.64 29.63
CA VAL A 274 27.68 -1.95 28.49
C VAL A 274 26.47 -2.73 28.01
N LYS A 275 25.38 -2.01 27.70
CA LYS A 275 24.18 -2.63 27.16
C LYS A 275 24.33 -2.73 25.65
N SER A 276 24.07 -3.90 25.10
CA SER A 276 24.37 -4.20 23.70
C SER A 276 23.09 -4.61 22.97
N HIS A 277 23.00 -4.20 21.71
CA HIS A 277 21.83 -4.45 20.89
C HIS A 277 22.29 -5.02 19.55
N PHE A 278 21.73 -6.17 19.17
CA PHE A 278 22.10 -6.85 17.94
C PHE A 278 21.03 -6.63 16.89
N GLU A 279 21.43 -6.12 15.72
CA GLU A 279 20.53 -6.01 14.57
C GLU A 279 20.59 -7.32 13.80
N PHE A 280 19.54 -8.13 13.91
CA PHE A 280 19.54 -9.46 13.31
C PHE A 280 18.96 -9.37 11.90
N ALA A 281 19.74 -8.71 11.04
CA ALA A 281 19.38 -8.64 9.62
C ALA A 281 19.38 -10.02 8.99
N TYR A 282 18.68 -10.13 7.85
CA TYR A 282 18.49 -11.41 7.17
C TYR A 282 19.84 -12.02 6.79
N THR A 283 20.08 -13.23 7.27
CA THR A 283 21.35 -13.93 7.15
C THR A 283 21.08 -15.14 6.25
N ALA A 284 21.53 -15.06 5.00
CA ALA A 284 21.18 -16.08 4.01
C ALA A 284 21.72 -17.45 4.40
N ASN A 285 22.91 -17.48 4.98
CA ASN A 285 23.52 -18.75 5.34
C ASN A 285 22.86 -19.30 6.61
N ARG A 286 22.20 -20.45 6.49
CA ARG A 286 21.46 -21.00 7.62
C ARG A 286 22.38 -21.34 8.79
N ARG A 287 23.59 -21.84 8.51
CA ARG A 287 24.49 -22.22 9.60
C ARG A 287 24.96 -21.00 10.38
N VAL A 288 25.33 -19.93 9.67
CA VAL A 288 25.70 -18.68 10.34
C VAL A 288 24.51 -18.16 11.15
N ARG A 289 23.31 -18.24 10.56
CA ARG A 289 22.10 -17.79 11.25
C ARG A 289 21.92 -18.53 12.57
N GLU A 290 22.19 -19.84 12.59
CA GLU A 290 22.10 -20.60 13.83
C GLU A 290 23.16 -20.17 14.82
N ALA A 291 24.37 -19.90 14.32
CA ALA A 291 25.45 -19.46 15.21
C ALA A 291 25.13 -18.10 15.83
N LEU A 292 24.51 -17.20 15.05
CA LEU A 292 24.15 -15.90 15.59
C LEU A 292 23.11 -16.03 16.70
N VAL A 293 22.15 -16.95 16.53
CA VAL A 293 21.19 -17.19 17.62
C VAL A 293 21.93 -17.70 18.86
N GLU A 294 22.95 -18.53 18.68
CA GLU A 294 23.70 -19.01 19.84
C GLU A 294 24.51 -17.90 20.50
N LEU A 295 24.77 -16.81 19.78
CA LEU A 295 25.50 -15.67 20.33
C LEU A 295 24.60 -14.69 21.09
N LEU A 296 23.28 -14.65 20.79
CA LEU A 296 22.35 -13.76 21.46
C LEU A 296 22.35 -13.77 22.99
N PRO A 297 22.67 -14.89 23.66
CA PRO A 297 22.76 -14.83 25.15
C PRO A 297 23.71 -13.78 25.66
N LYS A 298 24.71 -13.40 24.87
CA LYS A 298 25.67 -12.40 25.31
C LYS A 298 25.20 -10.97 25.04
N PHE A 299 24.12 -10.81 24.30
CA PHE A 299 23.54 -9.50 24.05
C PHE A 299 22.49 -9.15 25.10
N THR A 300 22.32 -7.86 25.35
CA THR A 300 21.19 -7.38 26.13
C THR A 300 19.90 -7.47 25.33
N SER A 301 19.99 -7.18 24.03
CA SER A 301 18.79 -6.86 23.25
C SER A 301 19.04 -7.24 21.81
N VAL A 302 17.94 -7.45 21.08
CA VAL A 302 17.96 -7.79 19.66
C VAL A 302 16.77 -7.08 19.00
N GLY A 303 16.97 -6.59 17.77
CA GLY A 303 15.90 -5.98 16.99
C GLY A 303 15.69 -6.71 15.67
N LEU A 304 14.45 -6.73 15.20
CA LEU A 304 14.14 -7.46 13.97
C LEU A 304 12.75 -7.07 13.47
N ASN A 305 12.52 -7.31 12.17
CA ASN A 305 11.24 -7.07 11.52
C ASN A 305 10.59 -8.40 11.15
N GLU A 306 9.50 -8.33 10.39
CA GLU A 306 8.72 -9.54 10.12
C GLU A 306 9.50 -10.52 9.25
N VAL A 307 10.29 -10.02 8.28
CA VAL A 307 11.11 -10.90 7.46
C VAL A 307 12.22 -11.54 8.28
N GLU A 308 12.83 -10.76 9.18
CA GLU A 308 13.97 -11.25 9.95
C GLU A 308 13.54 -12.26 11.01
N LEU A 309 12.40 -12.01 11.67
CA LEU A 309 11.92 -12.94 12.68
C LEU A 309 11.43 -14.23 12.04
N ALA A 310 10.73 -14.13 10.90
CA ALA A 310 10.33 -15.32 10.15
C ALA A 310 11.55 -16.16 9.78
N SER A 311 12.59 -15.52 9.26
CA SER A 311 13.83 -16.24 8.91
C SER A 311 14.37 -17.05 10.08
N ILE A 312 14.39 -16.47 11.27
CA ILE A 312 14.87 -17.17 12.46
C ILE A 312 13.91 -18.30 12.85
N MET A 313 12.60 -18.12 12.63
CA MET A 313 11.68 -19.21 12.91
C MET A 313 11.90 -20.41 11.98
N GLU A 314 12.56 -20.20 10.84
CA GLU A 314 12.87 -21.33 9.98
C GLU A 314 13.90 -22.27 10.59
N ILE A 315 14.65 -21.82 11.60
CA ILE A 315 15.67 -22.66 12.21
C ILE A 315 15.36 -23.02 13.66
N ILE A 316 14.56 -22.24 14.38
CA ILE A 316 14.21 -22.61 15.75
C ILE A 316 12.71 -22.73 15.98
N GLY A 317 11.89 -22.52 14.96
CA GLY A 317 10.46 -22.66 15.11
C GLY A 317 9.90 -23.71 14.16
N ASP A 318 8.86 -23.37 13.40
CA ASP A 318 8.35 -24.27 12.38
C ASP A 318 7.89 -23.45 11.18
N GLU A 319 7.73 -24.13 10.05
CA GLU A 319 7.46 -23.44 8.79
C GLU A 319 6.13 -22.71 8.83
N GLU A 320 5.13 -23.29 9.49
CA GLU A 320 3.83 -22.63 9.57
C GLU A 320 3.93 -21.34 10.37
N LEU A 321 4.67 -21.37 11.48
CA LEU A 321 4.83 -20.18 12.29
C LEU A 321 5.59 -19.09 11.53
N ALA A 322 6.64 -19.47 10.80
CA ALA A 322 7.35 -18.50 9.96
C ALA A 322 6.41 -17.84 8.96
N LYS A 323 5.57 -18.62 8.29
CA LYS A 323 4.67 -18.06 7.29
C LYS A 323 3.73 -17.00 7.88
N GLU A 324 3.18 -17.27 9.07
CA GLU A 324 2.31 -16.30 9.71
C GLU A 324 3.08 -15.06 10.17
N VAL A 325 4.29 -15.26 10.67
CA VAL A 325 5.10 -14.12 11.14
C VAL A 325 5.45 -13.20 9.98
N LEU A 326 5.73 -13.79 8.82
CA LEU A 326 6.07 -13.00 7.64
C LEU A 326 4.96 -12.01 7.28
N GLU A 327 3.70 -12.35 7.54
CA GLU A 327 2.59 -11.44 7.27
C GLU A 327 2.27 -10.55 8.47
N GLY A 328 3.08 -10.59 9.52
CA GLY A 328 2.87 -9.75 10.69
C GLY A 328 1.61 -10.06 11.46
N HIS A 329 1.11 -11.28 11.37
CA HIS A 329 -0.05 -11.69 12.16
C HIS A 329 0.36 -11.76 13.62
N ILE A 330 -0.24 -10.91 14.45
CA ILE A 330 0.41 -10.51 15.70
C ILE A 330 0.50 -11.65 16.70
N PHE A 331 -0.47 -12.55 16.75
CA PHE A 331 -0.39 -13.63 17.74
C PHE A 331 0.66 -14.66 17.36
N SER A 332 0.95 -14.79 16.07
CA SER A 332 2.08 -15.62 15.66
C SER A 332 3.41 -14.92 15.93
N VAL A 333 3.44 -13.60 15.72
CA VAL A 333 4.63 -12.81 16.05
C VAL A 333 4.96 -12.95 17.53
N ILE A 334 3.94 -12.82 18.38
CA ILE A 334 4.17 -12.93 19.82
C ILE A 334 4.70 -14.31 20.19
N ASP A 335 4.08 -15.36 19.63
CA ASP A 335 4.60 -16.71 19.84
C ASP A 335 6.06 -16.81 19.42
N ALA A 336 6.38 -16.30 18.23
CA ALA A 336 7.75 -16.38 17.72
C ALA A 336 8.72 -15.63 18.63
N MET A 337 8.33 -14.47 19.15
CA MET A 337 9.21 -13.73 20.05
C MET A 337 9.47 -14.51 21.33
N ASN A 338 8.44 -15.19 21.85
CA ASN A 338 8.65 -16.01 23.04
C ASN A 338 9.49 -17.25 22.76
N VAL A 339 9.37 -17.82 21.55
CA VAL A 339 10.25 -18.92 21.13
C VAL A 339 11.71 -18.46 21.16
N LEU A 340 11.98 -17.29 20.56
CA LEU A 340 13.34 -16.75 20.54
C LEU A 340 13.85 -16.45 21.94
N MET A 341 12.99 -15.88 22.80
CA MET A 341 13.42 -15.62 24.17
C MET A 341 13.66 -16.92 24.95
N ASP A 342 12.79 -17.91 24.75
CA ASP A 342 13.01 -19.23 25.37
C ASP A 342 14.34 -19.83 24.94
N GLU A 343 14.69 -19.68 23.66
CA GLU A 343 15.90 -20.30 23.14
C GLU A 343 17.17 -19.63 23.66
N THR A 344 17.12 -18.32 23.92
CA THR A 344 18.34 -17.55 24.17
C THR A 344 18.44 -16.98 25.56
N GLY A 345 17.33 -16.82 26.28
CA GLY A 345 17.33 -16.11 27.54
C GLY A 345 17.63 -14.62 27.45
N ILE A 346 17.48 -14.02 26.26
CA ILE A 346 17.86 -12.62 26.09
C ILE A 346 16.89 -11.73 26.84
N GLU A 347 17.40 -10.59 27.31
CA GLU A 347 16.58 -9.68 28.11
C GLU A 347 15.48 -9.01 27.27
N ARG A 348 15.78 -8.62 26.04
CA ARG A 348 14.86 -7.77 25.29
C ARG A 348 14.83 -8.13 23.82
N ILE A 349 13.62 -8.12 23.22
CA ILE A 349 13.40 -8.32 21.79
C ILE A 349 12.48 -7.21 21.31
N HIS A 350 12.93 -6.42 20.33
CA HIS A 350 12.13 -5.35 19.73
C HIS A 350 11.77 -5.78 18.33
N PHE A 351 10.48 -6.02 18.09
CA PHE A 351 9.95 -6.36 16.78
C PHE A 351 9.31 -5.13 16.17
N HIS A 352 9.63 -4.86 14.90
CA HIS A 352 8.98 -3.75 14.21
C HIS A 352 8.43 -4.21 12.87
N THR A 353 7.24 -3.74 12.53
CA THR A 353 6.66 -4.00 11.22
C THR A 353 5.81 -2.80 10.84
N TYR A 354 5.12 -2.92 9.70
CA TYR A 354 4.21 -1.87 9.27
C TYR A 354 3.06 -1.76 10.27
N GLY A 355 2.83 -0.57 10.82
CA GLY A 355 1.66 -0.32 11.63
C GLY A 355 1.86 -0.48 13.12
N TYR A 356 2.78 -1.35 13.57
CA TYR A 356 2.91 -1.54 15.01
C TYR A 356 4.29 -2.07 15.36
N TYR A 357 4.72 -1.78 16.59
CA TYR A 357 5.88 -2.45 17.19
C TYR A 357 5.48 -3.24 18.42
N LEU A 358 6.28 -4.27 18.73
CA LEU A 358 6.21 -5.00 19.99
C LEU A 358 7.59 -5.01 20.64
N ALA A 359 7.61 -4.96 21.97
CA ALA A 359 8.83 -5.26 22.72
C ALA A 359 8.51 -6.27 23.81
N LEU A 360 9.23 -7.39 23.81
CA LEU A 360 9.13 -8.41 24.84
C LEU A 360 10.37 -8.30 25.73
N THR A 361 10.16 -8.09 27.03
CA THR A 361 11.26 -7.93 27.97
C THR A 361 11.13 -8.91 29.12
N GLN A 362 12.27 -9.43 29.57
CA GLN A 362 12.35 -10.34 30.72
C GLN A 362 12.64 -9.49 31.94
N GLY A 363 11.64 -9.32 32.81
CA GLY A 363 11.83 -8.54 34.02
C GLY A 363 11.24 -9.23 35.22
N GLY A 364 10.23 -8.61 35.84
CA GLY A 364 9.41 -9.33 36.79
C GLY A 364 8.53 -10.28 36.03
N GLY A 365 9.11 -11.32 35.45
CA GLY A 365 8.43 -12.10 34.44
C GLY A 365 8.38 -11.33 33.13
N ARG A 366 7.93 -11.98 32.06
CA ARG A 366 7.96 -11.36 30.74
C ARG A 366 6.84 -10.34 30.59
N GLN A 367 7.19 -9.16 30.10
CA GLN A 367 6.24 -8.11 29.78
CA GLN A 367 6.22 -8.13 29.77
C GLN A 367 6.23 -7.88 28.27
N LEU A 368 5.06 -7.57 27.72
CA LEU A 368 4.89 -7.29 26.29
C LEU A 368 4.36 -5.87 26.14
N ALA A 369 5.12 -5.04 25.42
CA ALA A 369 4.71 -3.66 25.13
C ALA A 369 4.30 -3.56 23.66
N PHE A 370 3.22 -2.80 23.40
CA PHE A 370 2.68 -2.63 22.05
C PHE A 370 2.47 -1.16 21.75
N VAL A 371 2.86 -0.72 20.55
CA VAL A 371 2.47 0.62 20.08
C VAL A 371 1.96 0.57 18.65
N PRO A 372 0.95 1.38 18.33
CA PRO A 372 0.64 1.66 16.93
C PRO A 372 1.53 2.79 16.42
N THR A 373 2.01 2.63 15.19
CA THR A 373 2.99 3.57 14.67
C THR A 373 2.32 4.65 13.84
N LYS A 374 3.13 5.53 13.27
CA LYS A 374 2.68 6.61 12.42
C LYS A 374 3.18 6.36 11.00
N ILE A 375 2.25 6.15 10.07
CA ILE A 375 2.58 5.77 8.70
C ILE A 375 2.59 7.02 7.83
N VAL A 376 3.67 7.24 7.12
CA VAL A 376 3.75 8.32 6.14
C VAL A 376 3.37 7.78 4.77
N ALA A 377 2.35 8.40 4.13
CA ALA A 377 1.76 7.85 2.91
C ALA A 377 2.76 7.75 1.77
N SER A 378 3.56 8.79 1.55
CA SER A 378 4.51 8.78 0.44
C SER A 378 5.85 9.28 0.95
N PRO A 379 6.67 8.37 1.47
CA PRO A 379 7.93 8.77 2.09
C PRO A 379 8.89 9.38 1.07
N LYS A 380 9.59 10.45 1.49
CA LYS A 380 10.66 11.02 0.69
C LYS A 380 11.88 10.11 0.64
N SER A 381 12.11 9.32 1.69
CA SER A 381 13.19 8.34 1.65
C SER A 381 12.76 7.09 2.42
N THR A 382 13.25 5.95 1.95
CA THR A 382 12.96 4.65 2.57
C THR A 382 14.22 3.98 3.15
N VAL A 383 15.41 4.56 2.95
CA VAL A 383 16.65 3.90 3.35
C VAL A 383 16.93 4.19 4.82
N GLY A 384 17.41 3.17 5.53
CA GLY A 384 17.81 3.31 6.91
C GLY A 384 16.69 3.37 7.91
N ILE A 385 15.43 3.13 7.50
CA ILE A 385 14.30 3.28 8.40
C ILE A 385 14.30 2.18 9.46
N GLY A 386 14.48 0.93 9.03
CA GLY A 386 14.54 -0.17 10.00
C GLY A 386 15.61 0.03 11.05
N ASP A 387 16.81 0.45 10.63
CA ASP A 387 17.88 0.72 11.60
C ASP A 387 17.53 1.92 12.49
N THR A 388 16.94 2.97 11.92
CA THR A 388 16.49 4.10 12.74
C THR A 388 15.53 3.67 13.83
N ILE A 389 14.57 2.80 13.49
CA ILE A 389 13.58 2.33 14.45
C ILE A 389 14.25 1.56 15.58
N SER A 390 15.06 0.58 15.21
CA SER A 390 15.70 -0.30 16.19
C SER A 390 16.68 0.47 17.07
N SER A 391 17.50 1.33 16.46
CA SER A 391 18.49 2.06 17.26
C SER A 391 17.83 3.12 18.15
N SER A 392 16.78 3.78 17.65
CA SER A 392 16.14 4.86 18.40
C SER A 392 15.42 4.34 19.64
N ALA A 393 14.72 3.20 19.52
CA ALA A 393 14.08 2.63 20.71
C ALA A 393 15.12 2.19 21.73
N PHE A 394 16.21 1.58 21.25
CA PHE A 394 17.22 1.10 22.18
C PHE A 394 17.90 2.24 22.92
N VAL A 395 18.29 3.32 22.22
CA VAL A 395 19.04 4.35 22.93
C VAL A 395 18.13 5.16 23.84
N SER A 396 16.84 5.33 23.51
CA SER A 396 15.94 6.08 24.39
CA SER A 396 16.03 6.11 24.44
C SER A 396 15.58 5.29 25.63
N GLU A 397 15.33 3.98 25.47
CA GLU A 397 14.96 3.16 26.62
C GLU A 397 16.10 3.07 27.62
N PHE A 398 17.25 2.59 27.16
CA PHE A 398 18.43 2.44 28.00
C PHE A 398 19.15 3.76 28.25
N GLY A 399 18.56 4.87 27.78
CA GLY A 399 19.03 6.20 28.10
C GLY A 399 18.20 6.81 29.22
N GLY A 400 17.14 6.11 29.61
CA GLY A 400 16.25 6.56 30.65
C GLY A 400 14.98 7.23 30.17
N GLY A 401 14.51 6.92 28.96
CA GLY A 401 13.49 7.73 28.31
C GLY A 401 12.05 7.27 28.45
N GLY A 402 11.60 7.04 29.69
CA GLY A 402 10.19 6.79 29.96
C GLY A 402 9.72 5.35 29.95
N GLY A 403 10.63 4.38 29.89
CA GLY A 403 10.25 2.98 29.89
C GLY A 403 10.18 2.39 28.48
N VAL A 404 9.74 1.12 28.42
CA VAL A 404 9.80 0.37 27.18
C VAL A 404 8.86 0.95 26.14
N ARG A 405 7.60 1.18 26.52
CA ARG A 405 6.63 1.68 25.56
C ARG A 405 6.99 3.06 25.05
N ASP A 406 7.48 3.94 25.95
CA ASP A 406 7.83 5.29 25.53
C ASP A 406 8.97 5.30 24.53
N ALA A 407 9.95 4.41 24.71
CA ALA A 407 11.01 4.31 23.73
C ALA A 407 10.50 3.84 22.37
N LEU A 408 9.51 2.94 22.37
CA LEU A 408 8.90 2.51 21.12
C LEU A 408 8.17 3.67 20.44
N LEU A 409 7.48 4.51 21.22
CA LEU A 409 6.80 5.66 20.64
C LEU A 409 7.80 6.63 20.05
N PHE A 410 8.93 6.85 20.73
CA PHE A 410 9.93 7.75 20.17
C PHE A 410 10.49 7.20 18.85
N ALA A 411 10.69 5.88 18.79
CA ALA A 411 11.20 5.28 17.55
C ALA A 411 10.19 5.44 16.43
N SER A 412 8.90 5.31 16.73
CA SER A 412 7.87 5.54 15.74
C SER A 412 7.91 6.96 15.19
N LEU A 413 8.14 7.94 16.07
CA LEU A 413 8.23 9.33 15.64
C LEU A 413 9.48 9.56 14.79
N ALA A 414 10.62 9.01 15.22
CA ALA A 414 11.85 9.16 14.43
C ALA A 414 11.68 8.59 13.04
N ALA A 415 11.06 7.41 12.94
CA ALA A 415 10.83 6.78 11.63
C ALA A 415 9.92 7.64 10.75
N ALA A 416 8.82 8.16 11.31
CA ALA A 416 7.94 9.01 10.52
C ALA A 416 8.66 10.27 10.08
N ALA A 417 9.44 10.88 10.98
CA ALA A 417 10.15 12.12 10.64
C ALA A 417 11.16 11.90 9.52
N LYS A 418 11.93 10.82 9.60
CA LYS A 418 12.91 10.55 8.56
C LYS A 418 12.22 10.27 7.23
N ALA A 419 11.06 9.59 7.27
CA ALA A 419 10.30 9.35 6.05
C ALA A 419 9.70 10.64 5.49
N MET A 420 9.12 11.50 6.36
CA MET A 420 8.52 12.76 5.90
C MET A 420 9.55 13.65 5.23
N LYS A 421 10.75 13.74 5.82
CA LYS A 421 11.71 14.79 5.49
C LYS A 421 12.85 14.29 4.61
N GLY A 422 13.03 12.98 4.49
CA GLY A 422 14.12 12.44 3.71
C GLY A 422 15.37 12.30 4.56
N ASN A 423 15.81 13.41 5.16
CA ASN A 423 17.04 13.44 5.95
C ASN A 423 16.82 14.30 7.19
N LEU A 424 17.16 13.76 8.35
CA LEU A 424 17.09 14.51 9.59
C LEU A 424 18.38 15.25 9.82
N GLU A 425 18.28 16.44 10.41
CA GLU A 425 19.46 17.17 10.82
C GLU A 425 19.52 17.37 12.32
N ARG A 426 18.40 17.67 12.97
CA ARG A 426 18.35 17.97 14.39
C ARG A 426 17.19 17.22 15.02
N ILE A 427 17.37 16.82 16.29
CA ILE A 427 16.38 16.00 16.97
C ILE A 427 15.06 16.76 17.14
N GLU A 428 15.12 18.10 17.24
CA GLU A 428 13.90 18.90 17.37
C GLU A 428 12.95 18.69 16.19
N GLN A 429 13.48 18.37 15.01
CA GLN A 429 12.62 18.19 13.84
C GLN A 429 11.67 17.01 13.98
N ILE A 430 11.98 16.05 14.85
CA ILE A 430 11.13 14.88 15.04
C ILE A 430 9.78 15.27 15.65
N ARG A 431 9.72 16.40 16.36
CA ARG A 431 8.44 16.95 16.83
C ARG A 431 7.40 17.06 15.71
N ASP A 432 7.82 17.32 14.47
CA ASP A 432 6.85 17.45 13.39
C ASP A 432 6.10 16.14 13.13
N ALA A 433 6.68 15.00 13.50
CA ALA A 433 6.02 13.72 13.29
C ALA A 433 4.80 13.54 14.19
N LEU A 434 4.67 14.31 15.28
CA LEU A 434 3.48 14.18 16.10
C LEU A 434 2.21 14.44 15.29
N SER A 435 2.31 15.23 14.22
CA SER A 435 1.14 15.56 13.42
C SER A 435 0.73 14.43 12.47
N VAL A 436 1.56 13.41 12.30
CA VAL A 436 1.20 12.26 11.47
C VAL A 436 0.18 11.41 12.22
N PRO A 437 -0.97 11.09 11.63
CA PRO A 437 -1.98 10.28 12.34
C PRO A 437 -1.44 8.92 12.76
N THR A 438 -1.85 8.50 13.96
CA THR A 438 -1.52 7.19 14.46
C THR A 438 -2.35 6.13 13.76
N ASN A 439 -1.73 4.97 13.50
CA ASN A 439 -2.38 3.93 12.70
C ASN A 439 -3.59 3.38 13.44
N GLU A 440 -4.79 3.67 12.93
CA GLU A 440 -6.01 3.29 13.65
C GLU A 440 -6.31 1.80 13.55
N ARG A 441 -5.91 1.15 12.45
CA ARG A 441 -6.04 -0.30 12.41
C ARG A 441 -5.21 -0.96 13.51
N ALA A 442 -4.00 -0.45 13.76
CA ALA A 442 -3.22 -1.01 14.87
C ALA A 442 -3.79 -0.61 16.22
N ILE A 443 -4.39 0.59 16.33
CA ILE A 443 -5.01 0.97 17.60
C ILE A 443 -6.08 -0.04 17.98
N VAL A 444 -6.91 -0.39 17.01
CA VAL A 444 -8.01 -1.31 17.27
C VAL A 444 -7.49 -2.71 17.53
N LEU A 445 -6.38 -3.09 16.88
CA LEU A 445 -5.81 -4.43 17.07
C LEU A 445 -5.44 -4.68 18.53
N GLU A 446 -5.06 -3.64 19.27
CA GLU A 446 -4.68 -3.84 20.68
C GLU A 446 -5.83 -4.40 21.50
N GLU A 447 -7.08 -4.14 21.08
CA GLU A 447 -8.23 -4.75 21.75
C GLU A 447 -8.16 -6.27 21.72
N GLU A 448 -7.63 -6.84 20.63
CA GLU A 448 -7.47 -8.30 20.58
C GLU A 448 -6.42 -8.79 21.58
N LEU A 449 -5.38 -8.01 21.81
CA LEU A 449 -4.38 -8.40 22.79
C LEU A 449 -4.97 -8.37 24.20
N GLU A 450 -5.75 -7.33 24.50
CA GLU A 450 -6.32 -7.18 25.84
C GLU A 450 -7.27 -8.34 26.17
N LYS A 451 -8.11 -8.75 25.21
CA LYS A 451 -8.98 -9.90 25.43
C LYS A 451 -8.17 -11.17 25.63
N GLU A 452 -7.09 -11.33 24.85
CA GLU A 452 -6.27 -12.52 24.98
C GLU A 452 -5.42 -12.49 26.25
N PHE A 453 -4.95 -11.31 26.65
CA PHE A 453 -3.93 -11.17 27.69
C PHE A 453 -4.50 -10.37 28.87
N THR A 454 -5.28 -11.04 29.70
CA THR A 454 -5.77 -10.45 30.93
C THR A 454 -4.61 -10.09 31.85
N GLU B 3 -22.17 -33.70 6.51
CA GLU B 3 -20.85 -33.50 5.94
C GLU B 3 -20.38 -32.06 6.13
N SER B 4 -19.08 -31.83 5.93
CA SER B 4 -18.50 -30.51 6.15
C SER B 4 -19.16 -29.41 5.31
N LEU B 5 -19.83 -29.78 4.21
CA LEU B 5 -20.51 -28.76 3.42
C LEU B 5 -21.73 -28.22 4.16
N LYS B 6 -22.61 -29.10 4.61
CA LYS B 6 -23.74 -28.62 5.39
C LYS B 6 -23.30 -27.98 6.70
N ASP B 7 -22.08 -28.28 7.15
CA ASP B 7 -21.52 -27.59 8.31
C ASP B 7 -21.08 -26.18 7.93
N ARG B 8 -20.30 -26.05 6.84
CA ARG B 8 -19.89 -24.71 6.41
C ARG B 8 -21.12 -23.85 6.12
N ILE B 9 -22.15 -24.45 5.51
CA ILE B 9 -23.36 -23.71 5.17
C ILE B 9 -24.03 -23.15 6.42
N ARG B 10 -24.13 -23.94 7.49
CA ARG B 10 -24.79 -23.40 8.69
C ARG B 10 -23.93 -22.35 9.37
N LEU B 11 -22.60 -22.43 9.25
CA LEU B 11 -21.74 -21.39 9.79
C LEU B 11 -21.97 -20.06 9.08
N TRP B 12 -22.00 -20.08 7.74
CA TRP B 12 -22.17 -18.83 6.99
C TRP B 12 -23.54 -18.22 7.23
N LYS B 13 -24.57 -19.04 7.45
CA LYS B 13 -25.87 -18.48 7.86
C LYS B 13 -25.74 -17.76 9.18
N ARG B 14 -25.02 -18.34 10.14
CA ARG B 14 -24.84 -17.70 11.43
C ARG B 14 -24.07 -16.39 11.29
N LEU B 15 -22.98 -16.41 10.51
CA LEU B 15 -22.18 -15.21 10.31
C LEU B 15 -22.96 -14.12 9.59
N TYR B 16 -23.77 -14.50 8.60
CA TYR B 16 -24.60 -13.53 7.89
C TYR B 16 -25.63 -12.89 8.82
N VAL B 17 -26.25 -13.68 9.69
CA VAL B 17 -27.22 -13.13 10.64
C VAL B 17 -26.56 -12.11 11.58
N ASN B 18 -25.43 -12.50 12.17
CA ASN B 18 -24.73 -11.59 13.08
C ASN B 18 -24.24 -10.33 12.37
N ALA B 19 -23.72 -10.47 11.15
CA ALA B 19 -23.17 -9.31 10.46
C ALA B 19 -24.26 -8.29 10.15
N PHE B 20 -25.47 -8.76 9.81
CA PHE B 20 -26.55 -7.82 9.56
C PHE B 20 -26.92 -7.05 10.83
N GLU B 21 -27.00 -7.74 11.97
CA GLU B 21 -27.31 -7.07 13.22
C GLU B 21 -26.22 -6.09 13.62
N ASN B 22 -24.95 -6.47 13.44
CA ASN B 22 -23.85 -5.58 13.79
C ASN B 22 -23.80 -4.36 12.88
N ALA B 23 -24.11 -4.54 11.59
CA ALA B 23 -24.16 -3.40 10.68
C ALA B 23 -25.26 -2.41 11.10
N LEU B 24 -26.45 -2.92 11.45
CA LEU B 24 -27.54 -2.05 11.89
C LEU B 24 -27.13 -1.17 13.05
N ASN B 25 -26.44 -1.75 14.03
CA ASN B 25 -26.04 -0.99 15.21
C ASN B 25 -24.86 -0.07 14.95
N ALA B 26 -24.03 -0.37 13.96
CA ALA B 26 -22.84 0.43 13.72
C ALA B 26 -23.09 1.62 12.81
N ILE B 27 -24.04 1.52 11.89
CA ILE B 27 -24.32 2.58 10.91
C ILE B 27 -24.55 3.94 11.58
N PRO B 28 -25.28 4.06 12.69
CA PRO B 28 -25.41 5.39 13.32
C PRO B 28 -24.09 6.05 13.70
N ASN B 29 -22.98 5.30 13.78
CA ASN B 29 -21.69 5.89 14.14
C ASN B 29 -21.11 6.75 13.02
N VAL B 30 -21.60 6.61 11.80
CA VAL B 30 -21.03 7.32 10.65
C VAL B 30 -21.50 8.77 10.67
N LYS B 31 -20.55 9.70 10.81
CA LYS B 31 -20.91 11.10 10.95
C LYS B 31 -21.51 11.66 9.66
N GLY B 32 -20.85 11.41 8.53
CA GLY B 32 -21.32 11.91 7.24
C GLY B 32 -20.38 11.40 6.16
N VAL B 33 -20.91 11.35 4.93
CA VAL B 33 -20.15 10.83 3.79
C VAL B 33 -20.27 11.82 2.62
N LEU B 34 -19.16 12.03 1.92
CA LEU B 34 -19.14 12.84 0.71
C LEU B 34 -19.07 11.91 -0.50
N LEU B 35 -19.90 12.14 -1.51
CA LEU B 35 -19.92 11.31 -2.70
C LEU B 35 -19.77 12.18 -3.95
N ALA B 36 -18.81 11.80 -4.80
CA ALA B 36 -18.56 12.53 -6.06
C ALA B 36 -17.89 11.55 -7.04
N TYR B 37 -17.99 11.74 -8.36
CA TYR B 37 -18.55 12.94 -8.99
C TYR B 37 -19.80 12.74 -9.84
N ASN B 38 -20.13 11.50 -10.21
CA ASN B 38 -21.06 11.26 -11.31
C ASN B 38 -22.46 10.93 -10.79
N THR B 39 -23.41 11.83 -11.09
CA THR B 39 -24.82 11.67 -10.79
C THR B 39 -25.60 12.01 -12.05
N ASN B 40 -26.59 11.17 -12.39
CA ASN B 40 -27.41 11.42 -13.57
C ASN B 40 -28.80 10.81 -13.36
N ILE B 41 -29.63 10.90 -14.41
CA ILE B 41 -30.93 10.23 -14.48
C ILE B 41 -30.77 8.91 -15.22
N ASP B 42 -31.24 7.82 -14.61
CA ASP B 42 -31.26 6.51 -15.26
C ASP B 42 -32.70 6.24 -15.68
N ALA B 43 -32.93 6.19 -17.00
CA ALA B 43 -34.23 5.85 -17.58
C ALA B 43 -34.21 4.38 -17.96
N ILE B 44 -34.93 3.55 -17.21
CA ILE B 44 -34.86 2.10 -17.34
C ILE B 44 -35.98 1.61 -18.24
N LYS B 45 -35.62 0.77 -19.22
CA LYS B 45 -36.61 0.09 -20.07
C LYS B 45 -36.39 -1.41 -19.99
N TYR B 46 -37.43 -2.13 -19.60
CA TYR B 46 -37.39 -3.59 -19.61
C TYR B 46 -37.78 -4.04 -21.02
N LEU B 47 -36.81 -4.62 -21.73
CA LEU B 47 -36.94 -4.80 -23.18
C LEU B 47 -38.07 -5.78 -23.52
N ASP B 48 -38.78 -5.47 -24.60
CA ASP B 48 -39.80 -6.34 -25.17
C ASP B 48 -39.30 -6.84 -26.52
N ALA B 49 -39.28 -8.17 -26.69
CA ALA B 49 -38.66 -8.75 -27.87
C ALA B 49 -39.36 -8.31 -29.16
N ASP B 50 -40.69 -8.21 -29.13
CA ASP B 50 -41.43 -7.82 -30.33
C ASP B 50 -41.16 -6.37 -30.70
N ASP B 51 -41.16 -5.48 -29.72
CA ASP B 51 -40.88 -4.07 -29.98
C ASP B 51 -39.47 -3.89 -30.54
N LEU B 52 -38.51 -4.64 -29.99
CA LEU B 52 -37.12 -4.52 -30.43
C LEU B 52 -36.95 -5.05 -31.85
N GLU B 53 -37.58 -6.19 -32.17
CA GLU B 53 -37.52 -6.72 -33.52
C GLU B 53 -38.16 -5.77 -34.53
N LYS B 54 -39.28 -5.14 -34.16
CA LYS B 54 -39.91 -4.20 -35.07
C LYS B 54 -39.00 -3.01 -35.36
N ARG B 55 -38.33 -2.49 -34.34
CA ARG B 55 -37.47 -1.33 -34.54
C ARG B 55 -36.22 -1.66 -35.35
N VAL B 56 -35.68 -2.87 -35.17
CA VAL B 56 -34.53 -3.31 -35.96
C VAL B 56 -34.93 -3.51 -37.42
N THR B 57 -35.99 -4.28 -37.66
CA THR B 57 -36.49 -4.49 -39.02
C THR B 57 -36.78 -3.17 -39.70
N GLU B 58 -37.37 -2.23 -38.98
CA GLU B 58 -37.77 -0.96 -39.56
C GLU B 58 -36.57 -0.16 -40.07
N LYS B 59 -35.45 -0.22 -39.35
CA LYS B 59 -34.27 0.54 -39.76
C LYS B 59 -33.36 -0.24 -40.70
N GLY B 60 -33.50 -1.56 -40.76
CA GLY B 60 -32.69 -2.36 -41.67
C GLY B 60 -31.94 -3.45 -40.92
N LYS B 61 -32.34 -4.71 -41.10
CA LYS B 61 -31.89 -5.77 -40.21
C LYS B 61 -30.39 -6.03 -40.38
N GLU B 62 -29.94 -6.28 -41.61
CA GLU B 62 -28.52 -6.61 -41.76
C GLU B 62 -27.62 -5.40 -41.56
N LYS B 63 -28.11 -4.18 -41.80
CA LYS B 63 -27.37 -3.00 -41.38
C LYS B 63 -27.14 -3.03 -39.87
N VAL B 64 -28.17 -3.41 -39.10
CA VAL B 64 -28.02 -3.54 -37.65
C VAL B 64 -27.12 -4.72 -37.32
N PHE B 65 -27.24 -5.82 -38.06
CA PHE B 65 -26.48 -7.02 -37.73
C PHE B 65 -25.01 -6.89 -38.12
N GLU B 66 -24.71 -6.07 -39.12
CA GLU B 66 -23.31 -5.75 -39.41
C GLU B 66 -22.66 -5.04 -38.23
N ILE B 67 -23.42 -4.19 -37.53
CA ILE B 67 -22.89 -3.45 -36.39
C ILE B 67 -22.58 -4.38 -35.23
N ILE B 68 -23.38 -5.44 -35.03
CA ILE B 68 -23.09 -6.41 -33.97
C ILE B 68 -21.68 -6.94 -34.11
N GLU B 69 -21.34 -7.41 -35.32
CA GLU B 69 -20.01 -7.95 -35.55
C GLU B 69 -18.94 -6.87 -35.67
N ASN B 70 -19.31 -5.67 -36.14
CA ASN B 70 -18.36 -4.61 -36.47
C ASN B 70 -18.70 -3.32 -35.71
N PRO B 71 -18.62 -3.33 -34.39
CA PRO B 71 -19.22 -2.23 -33.60
C PRO B 71 -18.36 -0.98 -33.61
N PRO B 72 -18.99 0.19 -33.57
CA PRO B 72 -18.25 1.44 -33.35
C PRO B 72 -17.98 1.62 -31.86
N GLU B 73 -17.30 2.73 -31.54
CA GLU B 73 -16.99 3.06 -30.16
C GLU B 73 -18.16 3.75 -29.44
N LYS B 74 -19.06 4.37 -30.20
CA LYS B 74 -20.08 5.28 -29.68
C LYS B 74 -21.23 5.25 -30.66
N ILE B 75 -22.34 5.90 -30.29
CA ILE B 75 -23.56 5.88 -31.12
C ILE B 75 -23.68 7.17 -31.90
N SER B 76 -23.64 7.07 -33.23
CA SER B 76 -23.83 8.19 -34.13
C SER B 76 -25.07 8.04 -35.00
N SER B 77 -25.80 6.93 -34.87
CA SER B 77 -26.97 6.64 -35.69
C SER B 77 -27.88 5.70 -34.92
N ILE B 78 -29.16 5.67 -35.31
CA ILE B 78 -30.09 4.74 -34.68
C ILE B 78 -29.67 3.30 -34.94
N GLU B 79 -29.12 3.02 -36.13
CA GLU B 79 -28.62 1.68 -36.42
C GLU B 79 -27.55 1.26 -35.42
N GLU B 80 -26.64 2.17 -35.05
CA GLU B 80 -25.61 1.81 -34.09
C GLU B 80 -26.18 1.64 -32.69
N LEU B 81 -27.23 2.39 -32.34
CA LEU B 81 -27.90 2.19 -31.05
C LEU B 81 -28.48 0.77 -30.95
N LEU B 82 -29.24 0.36 -31.97
CA LEU B 82 -29.87 -0.96 -31.92
C LEU B 82 -28.83 -2.07 -32.04
N GLY B 83 -27.80 -1.87 -32.87
CA GLY B 83 -26.74 -2.86 -32.95
C GLY B 83 -26.02 -3.04 -31.62
N GLY B 84 -25.86 -1.95 -30.87
CA GLY B 84 -25.23 -2.07 -29.56
C GLY B 84 -26.07 -2.89 -28.59
N ILE B 85 -27.38 -2.63 -28.55
CA ILE B 85 -28.28 -3.37 -27.67
C ILE B 85 -28.22 -4.87 -28.00
N LEU B 86 -28.29 -5.21 -29.29
CA LEU B 86 -28.29 -6.62 -29.69
C LEU B 86 -26.94 -7.29 -29.41
N ARG B 87 -25.85 -6.55 -29.59
CA ARG B 87 -24.54 -7.10 -29.20
C ARG B 87 -24.47 -7.33 -27.69
N SER B 88 -25.10 -6.44 -26.91
CA SER B 88 -25.18 -6.65 -25.46
C SER B 88 -25.95 -7.92 -25.13
N ILE B 89 -27.08 -8.15 -25.81
CA ILE B 89 -27.86 -9.37 -25.58
C ILE B 89 -27.06 -10.60 -25.97
N LYS B 90 -26.38 -10.55 -27.11
CA LYS B 90 -25.69 -11.73 -27.64
C LYS B 90 -24.56 -12.16 -26.71
N LEU B 91 -23.75 -11.21 -26.24
CA LEU B 91 -22.67 -11.54 -25.33
C LEU B 91 -23.13 -11.62 -23.88
N GLY B 92 -24.37 -11.23 -23.58
CA GLY B 92 -24.80 -11.12 -22.21
C GLY B 92 -23.87 -10.24 -21.41
N LYS B 93 -23.51 -9.09 -21.99
CA LYS B 93 -22.39 -8.29 -21.52
C LYS B 93 -22.86 -6.88 -21.18
N ALA B 94 -22.45 -6.39 -20.02
CA ALA B 94 -22.71 -5.01 -19.61
C ALA B 94 -21.95 -4.07 -20.56
N MET B 95 -22.69 -3.20 -21.24
CA MET B 95 -22.09 -2.30 -22.20
C MET B 95 -22.68 -0.90 -22.03
N GLU B 96 -21.88 0.11 -22.38
CA GLU B 96 -22.32 1.51 -22.32
C GLU B 96 -21.65 2.27 -23.46
N TRP B 97 -22.46 2.81 -24.38
CA TRP B 97 -21.97 3.63 -25.46
C TRP B 97 -22.51 5.06 -25.33
N PHE B 98 -21.63 6.03 -25.55
CA PHE B 98 -22.05 7.42 -25.56
C PHE B 98 -22.89 7.74 -26.81
N VAL B 99 -23.98 8.48 -26.62
CA VAL B 99 -24.87 8.85 -27.72
C VAL B 99 -24.43 10.23 -28.22
N GLU B 100 -23.65 10.23 -29.28
CA GLU B 100 -23.13 11.47 -29.85
C GLU B 100 -24.18 12.24 -30.64
N SER B 101 -25.12 11.54 -31.27
CA SER B 101 -26.01 12.14 -32.25
C SER B 101 -27.28 12.68 -31.60
N GLU B 102 -27.59 13.94 -31.87
CA GLU B 102 -28.82 14.52 -31.35
C GLU B 102 -30.06 13.80 -31.90
N GLU B 103 -30.00 13.35 -33.17
CA GLU B 103 -31.13 12.63 -33.74
C GLU B 103 -31.41 11.35 -32.96
N VAL B 104 -30.36 10.67 -32.51
CA VAL B 104 -30.57 9.47 -31.71
C VAL B 104 -31.12 9.85 -30.33
N ARG B 105 -30.63 10.96 -29.76
CA ARG B 105 -31.15 11.42 -28.47
C ARG B 105 -32.66 11.66 -28.55
N ARG B 106 -33.14 12.25 -29.64
CA ARG B 106 -34.59 12.41 -29.80
C ARG B 106 -35.27 11.04 -29.90
N TYR B 107 -34.71 10.14 -30.70
CA TYR B 107 -35.24 8.78 -30.81
C TYR B 107 -35.36 8.12 -29.44
N LEU B 108 -34.32 8.26 -28.61
CA LEU B 108 -34.33 7.64 -27.29
C LEU B 108 -35.47 8.20 -26.44
N ARG B 109 -35.61 9.52 -26.41
CA ARG B 109 -36.67 10.13 -25.62
C ARG B 109 -38.05 9.63 -26.09
N GLU B 110 -38.25 9.52 -27.39
CA GLU B 110 -39.55 9.08 -27.88
C GLU B 110 -39.80 7.60 -27.53
N TRP B 111 -38.79 6.74 -27.71
CA TRP B 111 -38.91 5.35 -27.27
C TRP B 111 -39.21 5.24 -25.78
N GLY B 112 -38.80 6.25 -25.00
CA GLY B 112 -39.20 6.36 -23.60
C GLY B 112 -38.62 5.31 -22.66
N TRP B 113 -39.34 5.08 -21.57
CA TRP B 113 -38.85 4.24 -20.49
C TRP B 113 -40.01 3.81 -19.60
N ASP B 114 -39.75 2.78 -18.82
CA ASP B 114 -40.72 2.26 -17.85
C ASP B 114 -40.58 2.89 -16.48
N GLU B 115 -39.37 3.30 -16.10
CA GLU B 115 -39.09 3.66 -14.72
C GLU B 115 -37.88 4.59 -14.71
N LEU B 116 -38.01 5.74 -14.04
CA LEU B 116 -36.88 6.62 -13.82
C LEU B 116 -36.27 6.33 -12.46
N ARG B 117 -34.94 6.34 -12.39
CA ARG B 117 -34.24 6.08 -11.15
C ARG B 117 -32.99 6.95 -11.10
N ILE B 118 -32.53 7.25 -9.88
CA ILE B 118 -31.25 7.92 -9.75
C ILE B 118 -30.18 7.06 -10.44
N GLY B 119 -29.23 7.72 -11.10
CA GLY B 119 -28.15 7.03 -11.80
C GLY B 119 -26.80 7.64 -11.50
N GLY B 120 -25.77 6.95 -11.98
CA GLY B 120 -24.42 7.37 -11.68
C GLY B 120 -23.93 6.73 -10.40
N GLN B 121 -22.63 6.48 -10.34
CA GLN B 121 -22.08 5.81 -9.16
C GLN B 121 -22.31 6.62 -7.90
N ALA B 122 -22.03 7.93 -7.94
CA ALA B 122 -22.25 8.75 -6.75
C ALA B 122 -23.74 8.92 -6.45
N GLY B 123 -24.57 9.06 -7.49
CA GLY B 123 -25.99 9.25 -7.26
C GLY B 123 -26.66 8.04 -6.63
N ILE B 124 -26.34 6.85 -7.12
CA ILE B 124 -26.89 5.62 -6.53
C ILE B 124 -26.38 5.44 -5.10
N MET B 125 -25.11 5.76 -4.87
CA MET B 125 -24.59 5.67 -3.50
C MET B 125 -25.29 6.66 -2.57
N ALA B 126 -25.70 7.83 -3.08
CA ALA B 126 -26.36 8.81 -2.23
C ALA B 126 -27.72 8.32 -1.77
N ASN B 127 -28.54 7.78 -2.69
CA ASN B 127 -29.83 7.25 -2.27
C ASN B 127 -29.66 6.08 -1.32
N LEU B 128 -28.61 5.27 -1.49
CA LEU B 128 -28.42 4.13 -0.60
C LEU B 128 -27.95 4.58 0.78
N LEU B 129 -26.86 5.33 0.85
CA LEU B 129 -26.28 5.67 2.15
C LEU B 129 -27.17 6.67 2.90
N GLY B 130 -27.68 7.67 2.18
CA GLY B 130 -28.50 8.70 2.79
C GLY B 130 -29.94 8.26 2.97
N GLY B 131 -30.51 7.68 1.93
CA GLY B 131 -31.91 7.34 1.93
C GLY B 131 -32.23 6.08 2.70
N VAL B 132 -31.42 5.04 2.51
CA VAL B 132 -31.69 3.76 3.15
C VAL B 132 -30.94 3.64 4.48
N TYR B 133 -29.64 3.95 4.50
CA TYR B 133 -28.89 3.80 5.74
C TYR B 133 -29.04 4.99 6.69
N ARG B 134 -29.58 6.10 6.21
CA ARG B 134 -29.87 7.27 7.02
C ARG B 134 -28.58 7.97 7.48
N ILE B 135 -27.51 7.81 6.71
CA ILE B 135 -26.25 8.49 6.96
C ILE B 135 -26.28 9.85 6.29
N PRO B 136 -25.94 10.93 6.99
CA PRO B 136 -25.88 12.24 6.33
C PRO B 136 -24.89 12.20 5.17
N THR B 137 -25.36 12.62 4.01
CA THR B 137 -24.66 12.38 2.74
C THR B 137 -24.67 13.66 1.92
N ILE B 138 -23.50 14.11 1.50
CA ILE B 138 -23.38 15.25 0.61
C ILE B 138 -22.94 14.72 -0.75
N VAL B 139 -23.71 15.00 -1.80
CA VAL B 139 -23.48 14.39 -3.10
C VAL B 139 -23.27 15.46 -4.16
N HIS B 140 -22.36 15.19 -5.10
CA HIS B 140 -22.11 16.07 -6.22
C HIS B 140 -23.11 15.77 -7.34
N VAL B 141 -23.86 16.78 -7.75
CA VAL B 141 -24.88 16.65 -8.77
C VAL B 141 -24.57 17.64 -9.88
N PRO B 142 -23.88 17.20 -10.94
CA PRO B 142 -23.49 18.12 -12.02
C PRO B 142 -24.60 19.03 -12.53
N GLN B 143 -25.79 18.47 -12.78
CA GLN B 143 -26.91 19.23 -13.34
C GLN B 143 -28.18 18.79 -12.63
N ASN B 144 -28.90 19.73 -12.01
CA ASN B 144 -30.00 19.38 -11.11
C ASN B 144 -31.32 20.02 -11.52
N PRO B 145 -31.85 19.70 -12.69
CA PRO B 145 -33.22 20.10 -13.01
C PRO B 145 -34.20 19.31 -12.17
N LYS B 146 -35.47 19.71 -12.25
CA LYS B 146 -36.54 19.05 -11.48
C LYS B 146 -36.59 17.55 -11.74
N LEU B 147 -36.42 17.13 -13.00
CA LEU B 147 -36.45 15.70 -13.30
C LEU B 147 -35.30 14.96 -12.60
N GLN B 148 -34.19 15.65 -12.36
CA GLN B 148 -33.07 15.01 -11.67
C GLN B 148 -33.25 15.06 -10.15
N ALA B 149 -33.68 16.22 -9.63
CA ALA B 149 -33.74 16.44 -8.19
C ALA B 149 -34.75 15.51 -7.51
N GLU B 150 -35.87 15.22 -8.16
CA GLU B 150 -36.93 14.43 -7.56
C GLU B 150 -36.64 12.95 -7.53
N LEU B 151 -35.55 12.50 -8.16
CA LEU B 151 -35.18 11.09 -8.03
C LEU B 151 -34.48 10.77 -6.72
N PHE B 152 -34.05 11.78 -5.98
CA PHE B 152 -33.46 11.57 -4.67
C PHE B 152 -34.57 11.35 -3.65
N VAL B 153 -34.46 10.30 -2.85
CA VAL B 153 -35.48 9.95 -1.86
C VAL B 153 -35.45 10.91 -0.67
N ASP B 154 -36.52 10.89 0.12
CA ASP B 154 -36.56 11.67 1.36
C ASP B 154 -35.51 11.15 2.34
N GLY B 155 -34.87 12.07 3.06
CA GLY B 155 -33.85 11.71 4.01
C GLY B 155 -32.70 12.68 4.01
N PRO B 156 -31.57 12.33 4.77
CA PRO B 156 -30.44 13.26 4.96
C PRO B 156 -29.47 13.23 3.77
N ILE B 157 -29.96 13.67 2.62
CA ILE B 157 -29.17 13.83 1.40
C ILE B 157 -29.08 15.32 1.09
N TYR B 158 -27.86 15.81 0.88
CA TYR B 158 -27.66 17.24 0.75
C TYR B 158 -26.79 17.57 -0.45
N VAL B 159 -27.03 18.75 -1.02
CA VAL B 159 -26.12 19.34 -2.00
C VAL B 159 -25.69 20.71 -1.49
N PRO B 160 -24.51 21.17 -1.85
CA PRO B 160 -24.10 22.53 -1.45
C PRO B 160 -24.79 23.58 -2.31
N VAL B 161 -25.27 24.62 -1.64
CA VAL B 161 -25.76 25.81 -2.31
C VAL B 161 -25.19 27.01 -1.57
N PHE B 162 -24.91 28.06 -2.31
CA PHE B 162 -24.36 29.26 -1.72
C PHE B 162 -25.47 30.32 -1.64
N GLU B 163 -25.90 30.60 -0.41
CA GLU B 163 -26.86 31.66 -0.11
C GLU B 163 -26.04 32.93 0.07
N GLY B 164 -26.16 33.84 -0.89
CA GLY B 164 -25.25 34.98 -0.92
C GLY B 164 -23.82 34.51 -0.93
N ASN B 165 -23.12 34.71 0.18
CA ASN B 165 -21.72 34.33 0.30
C ASN B 165 -21.50 33.12 1.20
N LYS B 166 -22.56 32.58 1.79
CA LYS B 166 -22.45 31.47 2.74
C LYS B 166 -22.83 30.16 2.07
N LEU B 167 -22.28 29.06 2.58
CA LEU B 167 -22.62 27.73 2.12
C LEU B 167 -23.75 27.15 2.95
N LYS B 168 -24.81 26.72 2.28
CA LYS B 168 -25.89 25.98 2.90
C LYS B 168 -25.91 24.57 2.33
N LEU B 169 -26.45 23.64 3.12
CA LEU B 169 -26.58 22.25 2.70
C LEU B 169 -28.06 21.93 2.69
N VAL B 170 -28.61 21.62 1.50
CA VAL B 170 -30.04 21.45 1.33
C VAL B 170 -30.31 20.19 0.53
N HIS B 171 -31.51 19.63 0.71
CA HIS B 171 -31.92 18.48 -0.08
C HIS B 171 -31.94 18.85 -1.56
N PRO B 172 -31.57 17.92 -2.44
CA PRO B 172 -31.64 18.19 -3.90
C PRO B 172 -32.96 18.83 -4.35
N LYS B 173 -34.10 18.38 -3.82
CA LYS B 173 -35.39 18.96 -4.21
C LYS B 173 -35.49 20.45 -3.91
N ASP B 174 -34.68 20.96 -2.99
CA ASP B 174 -34.70 22.36 -2.61
C ASP B 174 -33.60 23.16 -3.28
N ALA B 175 -32.91 22.58 -4.27
CA ALA B 175 -31.90 23.27 -5.05
C ALA B 175 -32.14 23.08 -6.55
N ILE B 176 -33.40 22.90 -6.96
CA ILE B 176 -33.72 22.74 -8.37
C ILE B 176 -33.24 23.96 -9.16
N ALA B 177 -32.65 23.71 -10.33
CA ALA B 177 -32.11 24.77 -11.16
C ALA B 177 -32.44 24.50 -12.63
N GLU B 178 -32.23 25.54 -13.45
CA GLU B 178 -32.49 25.47 -14.89
C GLU B 178 -31.25 24.87 -15.56
N GLU B 179 -31.14 23.55 -15.45
CA GLU B 179 -29.95 22.85 -15.87
C GLU B 179 -30.38 21.64 -16.69
N GLU B 180 -29.41 20.97 -17.30
CA GLU B 180 -29.71 19.92 -18.28
C GLU B 180 -30.17 18.63 -17.60
N GLU B 181 -31.08 17.92 -18.28
CA GLU B 181 -31.40 16.55 -17.89
C GLU B 181 -30.35 15.62 -18.48
N LEU B 182 -29.66 14.89 -17.60
CA LEU B 182 -28.57 14.01 -18.01
C LEU B 182 -29.10 12.58 -17.96
N ILE B 183 -29.63 12.10 -19.07
CA ILE B 183 -30.35 10.84 -19.10
C ILE B 183 -29.45 9.76 -19.68
N HIS B 184 -29.36 8.64 -18.96
CA HIS B 184 -28.75 7.42 -19.45
C HIS B 184 -29.89 6.43 -19.63
N TYR B 185 -30.08 5.95 -20.86
CA TYR B 185 -31.14 5.00 -21.15
C TYR B 185 -30.61 3.60 -20.93
N ILE B 186 -31.23 2.85 -20.01
CA ILE B 186 -30.78 1.52 -19.61
C ILE B 186 -31.76 0.52 -20.17
N TYR B 187 -31.26 -0.43 -20.96
CA TYR B 187 -32.10 -1.46 -21.59
C TYR B 187 -31.78 -2.78 -20.90
N GLU B 188 -32.62 -3.14 -19.92
CA GLU B 188 -32.47 -4.39 -19.19
C GLU B 188 -33.05 -5.55 -19.98
N PHE B 189 -32.40 -6.71 -19.89
CA PHE B 189 -32.95 -7.93 -20.48
C PHE B 189 -32.64 -9.10 -19.56
N PRO B 190 -33.55 -10.07 -19.48
CA PRO B 190 -33.30 -11.25 -18.64
C PRO B 190 -32.41 -12.26 -19.36
N ARG B 191 -31.92 -13.24 -18.59
CA ARG B 191 -31.29 -14.40 -19.18
C ARG B 191 -32.26 -15.07 -20.15
N GLY B 192 -31.74 -15.56 -21.27
CA GLY B 192 -32.55 -16.22 -22.27
C GLY B 192 -33.37 -15.29 -23.15
N PHE B 193 -33.38 -13.99 -22.87
CA PHE B 193 -34.12 -13.04 -23.71
C PHE B 193 -33.70 -13.20 -25.16
N GLN B 194 -34.69 -13.30 -26.04
CA GLN B 194 -34.44 -13.67 -27.43
C GLN B 194 -35.02 -12.66 -28.38
N VAL B 195 -34.18 -12.17 -29.30
CA VAL B 195 -34.57 -11.34 -30.42
C VAL B 195 -33.93 -11.95 -31.67
N PHE B 196 -34.77 -12.31 -32.65
CA PHE B 196 -34.35 -13.01 -33.88
C PHE B 196 -33.69 -14.33 -33.49
N ASP B 197 -32.45 -14.57 -33.91
CA ASP B 197 -31.69 -15.78 -33.58
C ASP B 197 -30.67 -15.52 -32.48
N VAL B 198 -30.85 -14.45 -31.71
CA VAL B 198 -29.92 -14.04 -30.66
C VAL B 198 -30.57 -14.30 -29.32
N GLN B 199 -29.88 -15.02 -28.44
CA GLN B 199 -30.38 -15.34 -27.11
C GLN B 199 -29.38 -14.91 -26.06
N ALA B 200 -29.84 -14.13 -25.08
CA ALA B 200 -28.98 -13.72 -23.97
C ALA B 200 -28.56 -14.93 -23.15
N PRO B 201 -27.27 -15.21 -23.01
CA PRO B 201 -26.83 -16.26 -22.08
C PRO B 201 -27.01 -15.89 -20.61
N ARG B 202 -27.24 -14.61 -20.30
CA ARG B 202 -27.41 -14.16 -18.92
C ARG B 202 -28.02 -12.77 -18.93
N GLU B 203 -28.60 -12.40 -17.79
CA GLU B 203 -29.19 -11.08 -17.64
C GLU B 203 -28.10 -10.00 -17.69
N ASN B 204 -28.43 -8.86 -18.31
CA ASN B 204 -27.53 -7.71 -18.33
C ASN B 204 -28.27 -6.52 -18.95
N ARG B 205 -27.54 -5.45 -19.21
CA ARG B 205 -28.16 -4.23 -19.70
C ARG B 205 -27.20 -3.47 -20.60
N PHE B 206 -27.77 -2.81 -21.59
CA PHE B 206 -27.05 -1.87 -22.45
C PHE B 206 -27.43 -0.46 -22.04
N ILE B 207 -26.44 0.41 -21.89
CA ILE B 207 -26.68 1.79 -21.48
C ILE B 207 -26.36 2.70 -22.66
N ALA B 208 -27.33 3.48 -23.10
CA ALA B 208 -27.11 4.52 -24.09
C ALA B 208 -26.98 5.85 -23.35
N ASN B 209 -25.77 6.40 -23.36
CA ASN B 209 -25.37 7.51 -22.49
C ASN B 209 -25.52 8.82 -23.27
N ALA B 210 -26.50 9.64 -22.89
CA ALA B 210 -26.78 10.91 -23.56
C ALA B 210 -26.42 12.10 -22.68
N ASP B 211 -25.21 12.07 -22.12
CA ASP B 211 -24.82 12.92 -21.00
C ASP B 211 -23.45 13.51 -21.31
N ASP B 212 -23.42 14.81 -21.62
CA ASP B 212 -22.19 15.51 -21.97
C ASP B 212 -21.40 15.98 -20.75
N TYR B 213 -21.98 15.94 -19.56
CA TYR B 213 -21.36 16.52 -18.38
C TYR B 213 -20.52 15.50 -17.62
N ASN B 214 -21.11 14.39 -17.20
CA ASN B 214 -20.31 13.35 -16.57
C ASN B 214 -19.30 12.74 -17.53
N ALA B 215 -19.51 12.90 -18.85
CA ALA B 215 -18.53 12.40 -19.82
C ALA B 215 -17.15 13.06 -19.68
N ARG B 216 -17.06 14.24 -19.04
CA ARG B 216 -15.81 14.94 -18.85
C ARG B 216 -15.52 15.29 -17.39
N VAL B 217 -16.23 14.65 -16.45
CA VAL B 217 -16.13 14.97 -15.01
C VAL B 217 -16.32 16.46 -14.80
N TYR B 218 -17.41 16.98 -15.33
CA TYR B 218 -17.84 18.33 -14.98
C TYR B 218 -18.01 18.42 -13.46
N MET B 219 -17.49 19.49 -12.87
CA MET B 219 -17.63 19.74 -11.43
C MET B 219 -18.37 21.05 -11.20
N ARG B 220 -19.43 21.01 -10.38
CA ARG B 220 -20.17 22.21 -10.01
C ARG B 220 -19.28 23.27 -9.37
N ARG B 221 -19.63 24.54 -9.57
CA ARG B 221 -18.85 25.59 -8.93
C ARG B 221 -18.98 25.53 -7.40
N GLU B 222 -20.19 25.29 -6.88
CA GLU B 222 -20.38 25.26 -5.43
C GLU B 222 -19.59 24.12 -4.81
N PHE B 223 -19.32 23.08 -5.60
CA PHE B 223 -18.55 21.95 -5.16
C PHE B 223 -17.06 22.22 -5.27
N ARG B 224 -16.64 22.90 -6.33
CA ARG B 224 -15.24 23.28 -6.48
C ARG B 224 -14.82 24.31 -5.43
N GLU B 225 -15.55 25.43 -5.39
CA GLU B 225 -15.14 26.54 -4.53
C GLU B 225 -15.41 26.28 -3.06
N GLY B 226 -16.43 25.49 -2.74
CA GLY B 226 -16.76 25.26 -1.35
C GLY B 226 -16.33 23.92 -0.79
N PHE B 227 -15.32 23.28 -1.40
CA PHE B 227 -15.02 21.90 -1.04
C PHE B 227 -14.56 21.78 0.42
N GLU B 228 -13.75 22.73 0.90
CA GLU B 228 -13.24 22.58 2.27
C GLU B 228 -14.35 22.71 3.30
N GLU B 229 -15.29 23.65 3.10
CA GLU B 229 -16.41 23.78 4.01
C GLU B 229 -17.30 22.54 3.95
N ILE B 230 -17.50 21.98 2.76
CA ILE B 230 -18.18 20.69 2.64
C ILE B 230 -17.45 19.63 3.44
N THR B 231 -16.11 19.60 3.31
CA THR B 231 -15.31 18.54 3.93
C THR B 231 -15.42 18.56 5.45
N ARG B 232 -15.62 19.73 6.04
CA ARG B 232 -15.73 19.81 7.50
C ARG B 232 -16.90 19.00 8.04
N ASN B 233 -17.88 18.69 7.19
CA ASN B 233 -19.11 18.01 7.61
C ASN B 233 -19.03 16.49 7.53
N VAL B 234 -17.93 15.88 7.05
CA VAL B 234 -17.98 14.45 6.74
C VAL B 234 -16.83 13.69 7.38
N GLU B 235 -17.07 12.40 7.58
CA GLU B 235 -16.08 11.45 8.10
C GLU B 235 -15.48 10.58 7.00
N LEU B 236 -16.25 10.34 5.93
CA LEU B 236 -15.88 9.44 4.85
C LEU B 236 -16.09 10.13 3.49
N ALA B 237 -15.46 9.57 2.46
CA ALA B 237 -15.71 10.04 1.10
C ALA B 237 -15.54 8.87 0.14
N ILE B 238 -16.37 8.81 -0.90
CA ILE B 238 -16.23 7.81 -1.96
C ILE B 238 -16.19 8.54 -3.29
N ILE B 239 -15.14 8.27 -4.08
CA ILE B 239 -14.84 9.01 -5.29
C ILE B 239 -14.98 8.07 -6.47
N SER B 240 -15.76 8.48 -7.47
N SER B 240 -15.78 8.48 -7.46
CA SER B 240 -16.01 7.67 -8.64
CA SER B 240 -16.06 7.67 -8.64
C SER B 240 -16.18 8.57 -9.85
C SER B 240 -16.11 8.59 -9.86
N GLY B 241 -16.11 7.97 -11.05
CA GLY B 241 -16.44 8.66 -12.28
C GLY B 241 -15.27 9.09 -13.13
N LEU B 242 -14.03 8.86 -12.69
CA LEU B 242 -12.87 9.38 -13.39
C LEU B 242 -12.47 8.51 -14.59
N GLN B 243 -13.04 7.32 -14.72
CA GLN B 243 -12.64 6.39 -15.78
C GLN B 243 -12.86 6.95 -17.18
N VAL B 244 -13.65 8.03 -17.32
CA VAL B 244 -14.06 8.56 -18.61
C VAL B 244 -13.04 9.49 -19.26
N LEU B 245 -11.99 9.89 -18.54
CA LEU B 245 -11.13 10.95 -19.04
C LEU B 245 -10.33 10.51 -20.27
N LYS B 246 -10.16 11.43 -21.21
CA LYS B 246 -9.28 11.29 -22.36
C LYS B 246 -8.14 12.29 -22.22
N GLU B 247 -7.12 12.16 -23.07
CA GLU B 247 -5.91 12.95 -22.85
C GLU B 247 -6.09 14.41 -23.20
N TYR B 248 -6.79 14.73 -24.28
CA TYR B 248 -6.96 16.11 -24.74
C TYR B 248 -8.38 16.51 -24.97
N TYR B 249 -8.69 17.76 -24.65
CA TYR B 249 -10.04 18.31 -24.79
C TYR B 249 -10.04 19.49 -25.74
N PRO B 250 -11.20 19.80 -26.37
CA PRO B 250 -11.21 20.82 -27.44
C PRO B 250 -10.80 22.21 -26.99
N ASP B 251 -11.01 22.58 -25.73
CA ASP B 251 -10.62 23.91 -25.26
C ASP B 251 -9.13 24.01 -24.95
N GLY B 252 -8.33 22.99 -25.23
CA GLY B 252 -6.92 23.00 -24.89
C GLY B 252 -6.58 22.44 -23.53
N THR B 253 -7.56 22.09 -22.71
CA THR B 253 -7.26 21.46 -21.43
C THR B 253 -6.95 19.99 -21.64
N THR B 254 -6.49 19.32 -20.57
CA THR B 254 -6.15 17.91 -20.66
C THR B 254 -6.77 17.17 -19.47
N TYR B 255 -6.59 15.84 -19.45
CA TYR B 255 -7.02 15.07 -18.28
C TYR B 255 -6.33 15.57 -17.01
N LYS B 256 -5.14 16.15 -17.12
CA LYS B 256 -4.43 16.60 -15.91
C LYS B 256 -5.14 17.77 -15.23
N ASP B 257 -5.85 18.61 -15.98
CA ASP B 257 -6.61 19.68 -15.36
C ASP B 257 -7.70 19.14 -14.45
N VAL B 258 -8.37 18.06 -14.87
CA VAL B 258 -9.37 17.43 -14.01
C VAL B 258 -8.69 16.77 -12.81
N LEU B 259 -7.66 15.95 -13.05
CA LEU B 259 -7.02 15.24 -11.95
C LEU B 259 -6.35 16.20 -10.96
N ASP B 260 -5.89 17.37 -11.42
CA ASP B 260 -5.35 18.36 -10.48
C ASP B 260 -6.44 18.85 -9.54
N ARG B 261 -7.68 19.00 -10.04
CA ARG B 261 -8.79 19.33 -9.15
C ARG B 261 -9.10 18.17 -8.20
N VAL B 262 -9.06 16.93 -8.69
CA VAL B 262 -9.30 15.79 -7.81
C VAL B 262 -8.22 15.70 -6.73
N GLU B 263 -6.96 15.93 -7.11
CA GLU B 263 -5.88 15.84 -6.13
C GLU B 263 -5.98 16.94 -5.08
N SER B 264 -6.44 18.14 -5.47
CA SER B 264 -6.67 19.19 -4.47
C SER B 264 -7.74 18.78 -3.49
N HIS B 265 -8.81 18.14 -3.99
CA HIS B 265 -9.85 17.62 -3.12
C HIS B 265 -9.31 16.57 -2.16
N LEU B 266 -8.48 15.65 -2.66
CA LEU B 266 -7.90 14.63 -1.80
C LEU B 266 -7.01 15.25 -0.72
N ASN B 267 -6.26 16.30 -1.06
CA ASN B 267 -5.40 16.95 -0.08
C ASN B 267 -6.23 17.57 1.04
N ILE B 268 -7.40 18.11 0.70
CA ILE B 268 -8.28 18.67 1.72
C ILE B 268 -8.89 17.56 2.58
N LEU B 269 -9.37 16.48 1.94
CA LEU B 269 -9.86 15.32 2.69
C LEU B 269 -8.80 14.80 3.65
N ASN B 270 -7.55 14.68 3.18
CA ASN B 270 -6.52 14.15 4.07
C ASN B 270 -6.15 15.14 5.15
N ARG B 271 -6.19 16.44 4.86
CA ARG B 271 -5.97 17.42 5.91
C ARG B 271 -6.99 17.28 7.05
N TYR B 272 -8.24 16.90 6.74
CA TYR B 272 -9.28 16.71 7.74
C TYR B 272 -9.43 15.27 8.22
N ASN B 273 -8.48 14.39 7.86
CA ASN B 273 -8.49 12.98 8.24
C ASN B 273 -9.80 12.29 7.85
N VAL B 274 -10.39 12.70 6.73
CA VAL B 274 -11.47 11.94 6.13
C VAL B 274 -10.89 10.67 5.52
N LYS B 275 -11.56 9.54 5.73
CA LYS B 275 -11.19 8.29 5.08
C LYS B 275 -11.88 8.24 3.72
N SER B 276 -11.13 7.86 2.67
CA SER B 276 -11.63 7.97 1.32
C SER B 276 -11.47 6.65 0.58
N HIS B 277 -12.44 6.34 -0.28
CA HIS B 277 -12.44 5.10 -1.03
C HIS B 277 -12.55 5.44 -2.51
N PHE B 278 -11.71 4.81 -3.35
CA PHE B 278 -11.73 5.05 -4.80
C PHE B 278 -12.35 3.86 -5.52
N GLU B 279 -13.34 4.12 -6.37
CA GLU B 279 -13.89 3.10 -7.25
C GLU B 279 -13.06 3.11 -8.53
N PHE B 280 -12.16 2.14 -8.68
CA PHE B 280 -11.23 2.12 -9.82
C PHE B 280 -11.87 1.36 -10.98
N ALA B 281 -12.87 2.00 -11.59
CA ALA B 281 -13.52 1.43 -12.76
C ALA B 281 -12.57 1.42 -13.95
N TYR B 282 -12.88 0.55 -14.92
CA TYR B 282 -11.99 0.32 -16.06
C TYR B 282 -11.73 1.63 -16.81
N THR B 283 -10.46 1.98 -16.93
CA THR B 283 -10.02 3.25 -17.50
C THR B 283 -9.28 2.93 -18.79
N ALA B 284 -9.93 3.20 -19.94
CA ALA B 284 -9.35 2.79 -21.22
C ALA B 284 -8.02 3.50 -21.49
N ASN B 285 -7.95 4.80 -21.23
CA ASN B 285 -6.74 5.56 -21.54
C ASN B 285 -5.62 5.18 -20.57
N ARG B 286 -4.50 4.69 -21.11
CA ARG B 286 -3.44 4.18 -20.24
C ARG B 286 -2.76 5.29 -19.43
N ARG B 287 -2.60 6.48 -20.00
CA ARG B 287 -1.96 7.55 -19.25
C ARG B 287 -2.83 7.99 -18.08
N VAL B 288 -4.14 8.07 -18.29
CA VAL B 288 -5.05 8.39 -17.18
C VAL B 288 -5.00 7.29 -16.13
N ARG B 289 -5.01 6.01 -16.57
CA ARG B 289 -4.98 4.91 -15.62
C ARG B 289 -3.72 4.94 -14.76
N GLU B 290 -2.57 5.23 -15.38
N GLU B 290 -2.57 5.26 -15.37
CA GLU B 290 -1.32 5.39 -14.64
CA GLU B 290 -1.34 5.36 -14.58
C GLU B 290 -1.43 6.53 -13.63
C GLU B 290 -1.39 6.54 -13.62
N ALA B 291 -1.99 7.66 -14.05
CA ALA B 291 -2.11 8.79 -13.13
C ALA B 291 -3.03 8.46 -11.96
N LEU B 292 -4.04 7.61 -12.18
CA LEU B 292 -4.91 7.24 -11.07
C LEU B 292 -4.19 6.32 -10.10
N VAL B 293 -3.40 5.38 -10.59
CA VAL B 293 -2.56 4.58 -9.69
C VAL B 293 -1.69 5.49 -8.82
N GLU B 294 -1.18 6.57 -9.41
CA GLU B 294 -0.27 7.45 -8.69
C GLU B 294 -0.98 8.27 -7.61
N LEU B 295 -2.32 8.36 -7.66
CA LEU B 295 -3.10 9.00 -6.61
C LEU B 295 -3.59 8.04 -5.52
N LEU B 296 -3.50 6.73 -5.74
CA LEU B 296 -3.94 5.76 -4.72
C LEU B 296 -3.31 5.96 -3.33
N PRO B 297 -2.05 6.43 -3.20
CA PRO B 297 -1.53 6.68 -1.84
C PRO B 297 -2.35 7.69 -1.07
N LYS B 298 -3.06 8.60 -1.75
CA LYS B 298 -3.88 9.58 -1.06
C LYS B 298 -5.26 9.05 -0.68
N PHE B 299 -5.61 7.86 -1.12
CA PHE B 299 -6.84 7.20 -0.70
C PHE B 299 -6.57 6.25 0.47
N THR B 300 -7.62 6.01 1.26
CA THR B 300 -7.59 4.96 2.26
C THR B 300 -7.84 3.59 1.66
N SER B 301 -8.68 3.52 0.62
CA SER B 301 -9.27 2.26 0.19
C SER B 301 -9.53 2.35 -1.32
N VAL B 302 -9.51 1.20 -1.99
CA VAL B 302 -9.85 1.12 -3.41
C VAL B 302 -10.69 -0.13 -3.63
N GLY B 303 -11.67 -0.04 -4.52
CA GLY B 303 -12.51 -1.17 -4.88
C GLY B 303 -12.37 -1.50 -6.35
N LEU B 304 -12.47 -2.79 -6.69
CA LEU B 304 -12.25 -3.26 -8.05
C LEU B 304 -12.74 -4.71 -8.22
N ASN B 305 -13.12 -5.04 -9.46
CA ASN B 305 -13.44 -6.41 -9.84
C ASN B 305 -12.26 -7.02 -10.60
N GLU B 306 -12.46 -8.20 -11.19
CA GLU B 306 -11.33 -8.86 -11.83
C GLU B 306 -10.92 -8.18 -13.13
N VAL B 307 -11.87 -7.63 -13.90
CA VAL B 307 -11.49 -6.87 -15.10
C VAL B 307 -10.68 -5.63 -14.70
N GLU B 308 -11.11 -4.95 -13.65
CA GLU B 308 -10.46 -3.72 -13.23
C GLU B 308 -9.08 -3.98 -12.63
N LEU B 309 -8.96 -5.03 -11.82
CA LEU B 309 -7.66 -5.39 -11.27
C LEU B 309 -6.69 -5.83 -12.36
N ALA B 310 -7.18 -6.55 -13.37
CA ALA B 310 -6.31 -6.97 -14.46
C ALA B 310 -5.79 -5.78 -15.25
N SER B 311 -6.67 -4.82 -15.53
CA SER B 311 -6.28 -3.59 -16.22
C SER B 311 -5.14 -2.87 -15.49
N ILE B 312 -5.20 -2.83 -14.16
CA ILE B 312 -4.15 -2.16 -13.40
C ILE B 312 -2.84 -2.96 -13.47
N MET B 313 -2.94 -4.28 -13.45
CA MET B 313 -1.73 -5.12 -13.54
C MET B 313 -0.99 -4.91 -14.87
N GLU B 314 -1.71 -4.51 -15.92
CA GLU B 314 -1.04 -4.21 -17.20
C GLU B 314 -0.06 -3.06 -17.04
N ILE B 315 -0.34 -2.15 -16.11
CA ILE B 315 0.51 -0.98 -15.84
C ILE B 315 1.59 -1.26 -14.79
N ILE B 316 1.30 -2.05 -13.74
CA ILE B 316 2.22 -2.18 -12.61
C ILE B 316 2.65 -3.62 -12.33
N GLY B 317 1.99 -4.61 -12.91
CA GLY B 317 2.40 -5.98 -12.68
C GLY B 317 3.14 -6.52 -13.89
N ASP B 318 2.80 -7.72 -14.31
CA ASP B 318 3.25 -8.20 -15.62
C ASP B 318 2.03 -8.60 -16.43
N GLU B 319 2.28 -8.93 -17.70
CA GLU B 319 1.21 -9.29 -18.60
C GLU B 319 0.63 -10.64 -18.26
N GLU B 320 1.49 -11.57 -17.83
CA GLU B 320 1.01 -12.90 -17.46
C GLU B 320 0.10 -12.82 -16.25
N LEU B 321 0.42 -11.96 -15.29
CA LEU B 321 -0.45 -11.84 -14.13
C LEU B 321 -1.80 -11.25 -14.51
N ALA B 322 -1.79 -10.17 -15.30
CA ALA B 322 -3.06 -9.56 -15.71
C ALA B 322 -3.94 -10.59 -16.41
N LYS B 323 -3.33 -11.42 -17.25
CA LYS B 323 -4.07 -12.48 -17.93
C LYS B 323 -4.68 -13.46 -16.93
N GLU B 324 -3.91 -13.87 -15.92
CA GLU B 324 -4.39 -14.83 -14.92
C GLU B 324 -5.52 -14.24 -14.07
N VAL B 325 -5.46 -12.94 -13.79
CA VAL B 325 -6.51 -12.30 -13.01
C VAL B 325 -7.79 -12.23 -13.81
N LEU B 326 -7.68 -11.90 -15.09
CA LEU B 326 -8.87 -11.80 -15.94
C LEU B 326 -9.60 -13.15 -16.02
N GLU B 327 -8.84 -14.26 -16.04
CA GLU B 327 -9.44 -15.60 -15.99
C GLU B 327 -10.03 -15.95 -14.64
N GLY B 328 -9.71 -15.21 -13.59
CA GLY B 328 -10.36 -15.42 -12.30
C GLY B 328 -9.73 -16.42 -11.35
N HIS B 329 -8.47 -16.79 -11.56
CA HIS B 329 -7.78 -17.69 -10.63
C HIS B 329 -7.52 -16.98 -9.30
N ILE B 330 -8.11 -17.49 -8.22
CA ILE B 330 -8.12 -16.76 -6.96
C ILE B 330 -6.70 -16.48 -6.46
N PHE B 331 -5.75 -17.40 -6.68
CA PHE B 331 -4.41 -17.13 -6.15
C PHE B 331 -3.69 -16.08 -6.97
N SER B 332 -4.03 -15.94 -8.25
CA SER B 332 -3.52 -14.83 -9.05
C SER B 332 -4.15 -13.50 -8.63
N VAL B 333 -5.46 -13.52 -8.32
CA VAL B 333 -6.12 -12.33 -7.77
C VAL B 333 -5.41 -11.90 -6.48
N ILE B 334 -5.14 -12.84 -5.59
CA ILE B 334 -4.46 -12.49 -4.33
C ILE B 334 -3.08 -11.93 -4.60
N ASP B 335 -2.32 -12.56 -5.52
CA ASP B 335 -1.01 -12.03 -5.88
C ASP B 335 -1.11 -10.59 -6.40
N ALA B 336 -2.12 -10.33 -7.22
CA ALA B 336 -2.27 -9.00 -7.80
C ALA B 336 -2.68 -7.97 -6.76
N MET B 337 -3.56 -8.35 -5.83
CA MET B 337 -3.88 -7.46 -4.71
C MET B 337 -2.63 -7.10 -3.92
N ASN B 338 -1.77 -8.10 -3.66
CA ASN B 338 -0.54 -7.78 -2.95
C ASN B 338 0.40 -6.92 -3.80
N VAL B 339 0.44 -7.15 -5.11
CA VAL B 339 1.23 -6.31 -6.01
C VAL B 339 0.76 -4.85 -5.91
N LEU B 340 -0.55 -4.64 -5.99
CA LEU B 340 -1.10 -3.30 -5.91
C LEU B 340 -0.79 -2.64 -4.58
N MET B 341 -0.95 -3.39 -3.48
CA MET B 341 -0.65 -2.85 -2.17
C MET B 341 0.83 -2.50 -2.04
N ASP B 342 1.72 -3.37 -2.53
CA ASP B 342 3.16 -3.10 -2.43
C ASP B 342 3.53 -1.87 -3.26
N GLU B 343 2.90 -1.71 -4.42
CA GLU B 343 3.17 -0.58 -5.30
C GLU B 343 2.72 0.74 -4.68
N THR B 344 1.53 0.78 -4.10
CA THR B 344 0.91 2.05 -3.73
C THR B 344 0.97 2.38 -2.24
N GLY B 345 1.21 1.40 -1.39
CA GLY B 345 1.07 1.54 0.05
C GLY B 345 -0.35 1.72 0.54
N ILE B 346 -1.36 1.47 -0.30
CA ILE B 346 -2.74 1.71 0.13
C ILE B 346 -3.10 0.76 1.28
N GLU B 347 -3.96 1.24 2.19
CA GLU B 347 -4.31 0.49 3.39
C GLU B 347 -5.28 -0.66 3.12
N ARG B 348 -6.16 -0.52 2.13
CA ARG B 348 -7.27 -1.44 1.98
C ARG B 348 -7.63 -1.62 0.50
N ILE B 349 -7.77 -2.87 0.08
CA ILE B 349 -8.25 -3.20 -1.26
C ILE B 349 -9.45 -4.14 -1.10
N HIS B 350 -10.60 -3.71 -1.63
CA HIS B 350 -11.79 -4.55 -1.63
C HIS B 350 -11.98 -5.09 -3.04
N PHE B 351 -11.72 -6.39 -3.21
CA PHE B 351 -11.95 -7.09 -4.48
C PHE B 351 -13.31 -7.78 -4.46
N HIS B 352 -14.08 -7.64 -5.54
CA HIS B 352 -15.35 -8.35 -5.66
C HIS B 352 -15.52 -8.96 -7.05
N THR B 353 -16.06 -10.17 -7.08
CA THR B 353 -16.31 -10.85 -8.34
C THR B 353 -17.55 -11.71 -8.17
N TYR B 354 -17.91 -12.46 -9.22
CA TYR B 354 -19.03 -13.37 -9.09
C TYR B 354 -18.74 -14.42 -8.03
N GLY B 355 -19.54 -14.42 -6.96
CA GLY B 355 -19.47 -15.47 -6.00
C GLY B 355 -18.69 -15.17 -4.72
N TYR B 356 -17.80 -14.18 -4.71
CA TYR B 356 -17.06 -13.93 -3.47
C TYR B 356 -16.41 -12.56 -3.49
N TYR B 357 -16.09 -12.06 -2.29
CA TYR B 357 -15.28 -10.87 -2.08
C TYR B 357 -13.97 -11.24 -1.39
N LEU B 358 -12.92 -10.47 -1.68
CA LEU B 358 -11.68 -10.47 -0.90
C LEU B 358 -11.39 -9.05 -0.42
N ALA B 359 -10.90 -8.92 0.81
CA ALA B 359 -10.39 -7.65 1.31
C ALA B 359 -8.99 -7.86 1.84
N LEU B 360 -8.02 -7.18 1.25
CA LEU B 360 -6.64 -7.16 1.73
C LEU B 360 -6.41 -5.85 2.47
N THR B 361 -5.90 -5.94 3.71
CA THR B 361 -5.61 -4.74 4.49
C THR B 361 -4.25 -4.86 5.17
N GLN B 362 -3.70 -3.70 5.53
CA GLN B 362 -2.45 -3.62 6.29
C GLN B 362 -2.55 -2.54 7.35
N GLY B 363 -1.70 -2.67 8.38
CA GLY B 363 -1.78 -1.80 9.53
C GLY B 363 -1.85 -2.59 10.83
N GLY B 364 -2.57 -3.70 10.82
CA GLY B 364 -2.55 -4.65 11.92
C GLY B 364 -2.08 -6.02 11.44
N GLY B 365 -0.91 -6.06 10.83
CA GLY B 365 -0.53 -7.19 10.01
C GLY B 365 -1.24 -7.14 8.66
N ARG B 366 -0.70 -7.88 7.70
CA ARG B 366 -1.31 -7.92 6.38
C ARG B 366 -2.37 -9.02 6.39
N GLN B 367 -3.63 -8.61 6.28
CA GLN B 367 -4.78 -9.48 6.52
C GLN B 367 -5.60 -9.64 5.25
N LEU B 368 -6.03 -10.87 4.96
CA LEU B 368 -6.88 -11.16 3.82
C LEU B 368 -8.18 -11.80 4.31
N ALA B 369 -9.31 -11.16 4.01
CA ALA B 369 -10.63 -11.67 4.38
C ALA B 369 -11.36 -12.18 3.15
N PHE B 370 -12.05 -13.30 3.28
CA PHE B 370 -12.85 -13.92 2.22
C PHE B 370 -14.30 -14.07 2.68
N VAL B 371 -15.25 -13.71 1.82
CA VAL B 371 -16.65 -14.07 2.06
C VAL B 371 -17.30 -14.61 0.80
N PRO B 372 -18.10 -15.67 0.89
CA PRO B 372 -18.93 -16.09 -0.25
C PRO B 372 -20.20 -15.26 -0.32
N THR B 373 -20.57 -14.87 -1.53
CA THR B 373 -21.70 -13.97 -1.69
C THR B 373 -22.99 -14.77 -1.94
N LYS B 374 -24.10 -14.05 -2.07
CA LYS B 374 -25.39 -14.68 -2.33
C LYS B 374 -25.84 -14.38 -3.75
N ILE B 375 -26.24 -15.42 -4.49
CA ILE B 375 -26.64 -15.27 -5.88
C ILE B 375 -28.17 -15.18 -5.93
N VAL B 376 -28.66 -14.08 -6.47
CA VAL B 376 -30.08 -13.91 -6.73
C VAL B 376 -30.40 -14.55 -8.07
N ALA B 377 -31.36 -15.48 -8.08
CA ALA B 377 -31.63 -16.28 -9.27
C ALA B 377 -32.05 -15.41 -10.45
N SER B 378 -33.11 -14.62 -10.27
CA SER B 378 -33.68 -13.81 -11.35
C SER B 378 -33.71 -12.36 -10.90
N PRO B 379 -32.64 -11.60 -11.17
CA PRO B 379 -32.59 -10.21 -10.69
C PRO B 379 -33.56 -9.30 -11.43
N LYS B 380 -34.13 -8.35 -10.69
CA LYS B 380 -34.93 -7.30 -11.29
C LYS B 380 -34.10 -6.11 -11.75
N SER B 381 -32.80 -6.10 -11.47
CA SER B 381 -31.93 -5.00 -11.88
C SER B 381 -30.50 -5.50 -11.96
N THR B 382 -29.80 -5.14 -13.04
CA THR B 382 -28.38 -5.39 -13.18
C THR B 382 -27.56 -4.10 -13.17
N VAL B 383 -28.09 -3.05 -12.52
CA VAL B 383 -27.46 -1.74 -12.48
C VAL B 383 -27.24 -1.34 -11.03
N GLY B 384 -26.06 -0.78 -10.74
CA GLY B 384 -25.76 -0.28 -9.42
C GLY B 384 -25.40 -1.32 -8.39
N ILE B 385 -25.18 -2.57 -8.79
CA ILE B 385 -24.79 -3.59 -7.84
C ILE B 385 -23.40 -3.33 -7.30
N GLY B 386 -22.44 -3.06 -8.18
CA GLY B 386 -21.10 -2.73 -7.72
C GLY B 386 -21.07 -1.52 -6.82
N ASP B 387 -21.89 -0.50 -7.12
CA ASP B 387 -21.96 0.68 -6.27
C ASP B 387 -22.41 0.32 -4.86
N THR B 388 -23.31 -0.66 -4.75
CA THR B 388 -23.82 -1.08 -3.47
C THR B 388 -22.79 -1.89 -2.68
N ILE B 389 -21.98 -2.69 -3.38
CA ILE B 389 -21.00 -3.54 -2.73
C ILE B 389 -19.92 -2.71 -2.05
N SER B 390 -19.28 -1.82 -2.80
CA SER B 390 -18.10 -1.13 -2.28
C SER B 390 -18.48 -0.12 -1.20
N SER B 391 -19.54 0.67 -1.44
CA SER B 391 -19.96 1.67 -0.47
C SER B 391 -20.47 1.02 0.82
N SER B 392 -21.25 -0.06 0.71
CA SER B 392 -21.77 -0.69 1.93
C SER B 392 -20.64 -1.21 2.81
N ALA B 393 -19.67 -1.93 2.22
CA ALA B 393 -18.59 -2.49 3.02
C ALA B 393 -17.72 -1.39 3.63
N PHE B 394 -17.45 -0.33 2.85
CA PHE B 394 -16.53 0.72 3.30
C PHE B 394 -17.13 1.52 4.45
N VAL B 395 -18.40 1.90 4.30
CA VAL B 395 -19.06 2.66 5.35
C VAL B 395 -19.27 1.81 6.60
N SER B 396 -19.59 0.53 6.43
CA SER B 396 -19.81 -0.35 7.58
C SER B 396 -18.50 -0.60 8.35
N GLU B 397 -17.38 -0.78 7.65
CA GLU B 397 -16.12 -1.02 8.33
C GLU B 397 -15.60 0.24 9.04
N PHE B 398 -15.48 1.37 8.32
CA PHE B 398 -14.80 2.53 8.91
C PHE B 398 -15.75 3.41 9.73
N GLY B 399 -16.88 3.78 9.14
CA GLY B 399 -17.83 4.59 9.88
C GLY B 399 -18.50 3.78 10.97
N GLY B 400 -18.78 2.51 10.68
CA GLY B 400 -19.44 1.63 11.61
C GLY B 400 -18.53 1.17 12.73
N GLY B 401 -17.32 0.73 12.39
CA GLY B 401 -16.36 0.25 13.36
C GLY B 401 -16.32 -1.25 13.52
N GLY B 402 -17.13 -2.00 12.76
CA GLY B 402 -17.08 -3.44 12.82
C GLY B 402 -15.89 -4.00 12.03
N GLY B 403 -15.72 -5.31 12.12
CA GLY B 403 -14.59 -5.92 11.46
C GLY B 403 -14.71 -5.94 9.94
N VAL B 404 -13.57 -6.24 9.30
CA VAL B 404 -13.51 -6.35 7.85
C VAL B 404 -14.55 -7.35 7.34
N ARG B 405 -14.56 -8.57 7.90
CA ARG B 405 -15.40 -9.62 7.35
C ARG B 405 -16.88 -9.28 7.47
N ASP B 406 -17.30 -8.74 8.62
CA ASP B 406 -18.71 -8.40 8.83
C ASP B 406 -19.16 -7.30 7.86
N ALA B 407 -18.30 -6.31 7.60
CA ALA B 407 -18.64 -5.32 6.60
C ALA B 407 -18.80 -5.93 5.22
N LEU B 408 -17.96 -6.92 4.88
CA LEU B 408 -18.11 -7.61 3.59
C LEU B 408 -19.43 -8.37 3.52
N LEU B 409 -19.85 -8.99 4.63
CA LEU B 409 -21.09 -9.77 4.65
C LEU B 409 -22.30 -8.86 4.53
N PHE B 410 -22.29 -7.74 5.26
CA PHE B 410 -23.35 -6.76 5.08
C PHE B 410 -23.42 -6.28 3.63
N ALA B 411 -22.26 -6.06 2.99
CA ALA B 411 -22.26 -5.62 1.60
C ALA B 411 -22.89 -6.67 0.69
N SER B 412 -22.59 -7.95 0.93
CA SER B 412 -23.17 -9.02 0.12
C SER B 412 -24.69 -9.05 0.24
N LEU B 413 -25.21 -8.84 1.44
CA LEU B 413 -26.65 -8.78 1.65
C LEU B 413 -27.27 -7.60 0.93
N ALA B 414 -26.66 -6.41 1.06
CA ALA B 414 -27.18 -5.25 0.36
C ALA B 414 -27.19 -5.48 -1.15
N ALA B 415 -26.14 -6.11 -1.68
CA ALA B 415 -26.10 -6.36 -3.11
C ALA B 415 -27.20 -7.33 -3.55
N ALA B 416 -27.43 -8.37 -2.75
CA ALA B 416 -28.50 -9.32 -3.06
C ALA B 416 -29.87 -8.64 -2.98
N ALA B 417 -30.10 -7.85 -1.92
CA ALA B 417 -31.37 -7.13 -1.79
C ALA B 417 -31.62 -6.21 -2.97
N LYS B 418 -30.60 -5.46 -3.39
CA LYS B 418 -30.79 -4.58 -4.54
C LYS B 418 -31.11 -5.39 -5.80
N ALA B 419 -30.48 -6.56 -5.95
CA ALA B 419 -30.78 -7.41 -7.10
C ALA B 419 -32.21 -7.96 -7.02
N MET B 420 -32.64 -8.41 -5.85
CA MET B 420 -33.98 -8.97 -5.70
C MET B 420 -35.05 -7.93 -5.98
N LYS B 421 -34.87 -6.72 -5.44
CA LYS B 421 -35.93 -5.74 -5.40
C LYS B 421 -35.83 -4.66 -6.46
N GLY B 422 -34.70 -4.58 -7.18
CA GLY B 422 -34.53 -3.54 -8.18
C GLY B 422 -34.00 -2.25 -7.60
N ASN B 423 -34.72 -1.67 -6.63
CA ASN B 423 -34.24 -0.52 -5.89
C ASN B 423 -34.53 -0.74 -4.41
N LEU B 424 -33.67 -0.19 -3.56
CA LEU B 424 -33.81 -0.32 -2.11
C LEU B 424 -34.35 0.97 -1.52
N GLU B 425 -35.37 0.84 -0.68
CA GLU B 425 -35.93 1.99 0.02
C GLU B 425 -35.75 1.94 1.52
N ARG B 426 -35.79 0.76 2.14
CA ARG B 426 -35.76 0.61 3.59
C ARG B 426 -34.68 -0.39 3.97
N ILE B 427 -33.95 -0.10 5.05
CA ILE B 427 -32.86 -0.99 5.44
C ILE B 427 -33.39 -2.38 5.79
N GLU B 428 -34.63 -2.46 6.26
CA GLU B 428 -35.21 -3.77 6.57
C GLU B 428 -35.41 -4.64 5.35
N GLN B 429 -35.44 -4.06 4.14
CA GLN B 429 -35.50 -4.90 2.94
C GLN B 429 -34.27 -5.76 2.81
N ILE B 430 -33.15 -5.32 3.38
CA ILE B 430 -31.90 -6.07 3.28
C ILE B 430 -31.98 -7.35 4.12
N ARG B 431 -32.81 -7.36 5.17
CA ARG B 431 -32.97 -8.58 5.95
C ARG B 431 -33.51 -9.72 5.10
N ASP B 432 -34.36 -9.42 4.12
CA ASP B 432 -34.88 -10.46 3.23
C ASP B 432 -33.78 -11.17 2.47
N ALA B 433 -32.66 -10.50 2.21
CA ALA B 433 -31.56 -11.14 1.50
C ALA B 433 -30.94 -12.29 2.30
N LEU B 434 -31.22 -12.38 3.60
CA LEU B 434 -30.75 -13.53 4.37
C LEU B 434 -31.32 -14.84 3.83
N SER B 435 -32.49 -14.78 3.18
CA SER B 435 -33.12 -15.96 2.60
C SER B 435 -32.45 -16.43 1.32
N VAL B 436 -31.66 -15.57 0.67
CA VAL B 436 -31.04 -15.95 -0.61
C VAL B 436 -29.89 -16.92 -0.34
N PRO B 437 -29.76 -18.01 -1.10
CA PRO B 437 -28.71 -18.98 -0.80
C PRO B 437 -27.31 -18.43 -1.00
N THR B 438 -26.43 -18.74 -0.04
CA THR B 438 -25.01 -18.47 -0.21
C THR B 438 -24.43 -19.38 -1.29
N ASN B 439 -23.57 -18.81 -2.13
CA ASN B 439 -22.93 -19.52 -3.24
C ASN B 439 -22.17 -20.75 -2.75
N GLU B 440 -22.65 -21.95 -3.08
CA GLU B 440 -22.03 -23.17 -2.58
C GLU B 440 -20.61 -23.34 -3.11
N ARG B 441 -20.39 -22.98 -4.38
CA ARG B 441 -19.06 -23.13 -4.98
C ARG B 441 -18.03 -22.26 -4.26
N ALA B 442 -18.44 -21.07 -3.83
CA ALA B 442 -17.52 -20.19 -3.11
C ALA B 442 -17.28 -20.65 -1.68
N ILE B 443 -18.32 -21.20 -1.03
CA ILE B 443 -18.14 -21.76 0.31
C ILE B 443 -17.03 -22.81 0.33
N VAL B 444 -17.04 -23.71 -0.66
CA VAL B 444 -16.00 -24.72 -0.73
C VAL B 444 -14.70 -24.17 -1.29
N LEU B 445 -14.73 -23.03 -2.01
CA LEU B 445 -13.49 -22.42 -2.46
C LEU B 445 -12.61 -22.03 -1.28
N GLU B 446 -13.21 -21.65 -0.15
CA GLU B 446 -12.43 -21.20 0.99
C GLU B 446 -11.53 -22.29 1.58
N GLU B 447 -11.81 -23.56 1.31
CA GLU B 447 -10.92 -24.62 1.81
C GLU B 447 -9.54 -24.50 1.18
N GLU B 448 -9.49 -24.18 -0.11
CA GLU B 448 -8.21 -23.95 -0.80
C GLU B 448 -7.38 -22.87 -0.12
N LEU B 449 -8.04 -21.92 0.57
CA LEU B 449 -7.34 -20.71 1.00
C LEU B 449 -6.39 -20.97 2.17
N GLU B 450 -6.80 -21.77 3.16
CA GLU B 450 -5.99 -21.85 4.38
C GLU B 450 -5.43 -23.25 4.65
N LYS B 451 -5.07 -24.00 3.60
CA LYS B 451 -4.23 -25.18 3.85
C LYS B 451 -2.76 -24.80 3.65
#